data_9M8Q
#
_entry.id   9M8Q
#
_cell.length_a   1.00
_cell.length_b   1.00
_cell.length_c   1.00
_cell.angle_alpha   90.00
_cell.angle_beta   90.00
_cell.angle_gamma   90.00
#
_symmetry.space_group_name_H-M   'P 1'
#
loop_
_entity.id
_entity.type
_entity.pdbx_description
1 polymer CasRx
2 polymer 'RNA (55-MER)'
3 polymer 'RNA (30-MER)'
4 non-polymer 'MAGNESIUM ION'
#
loop_
_entity_poly.entity_id
_entity_poly.type
_entity_poly.pdbx_seq_one_letter_code
_entity_poly.pdbx_strand_id
1 'polypeptide(L)'
;MIEKKKSFAKGMGVKSTLVSGSKVYMTTFAEGSDARLEKIVEGDSIRSVNEGEAFSAEMADKNAGYKIGNAKFSHPKGYA
VVANNPLYTGPVQQDMLGLKETLEKRYFGESADGNDNICIQVIHNILDIEKILAEYITNAAYAVNNISGLDKDIIGFGKF
STVYTYDEFKDPEHHRAAFNNNDKLINAIKAQYDEFDNFLDNPRLGYFGQAFFSKEGRNYIINYGNECYDILALLSGLAH
WVVANNEEESRISRTWLYNLDKNLDNEYISTLNYLYDRITNELTNSFSKNSAANVNYIAETLGINPAEFAEQYFRFSIMK
EQKNLGFNITKLREVMLDRKDMSEIRKNHKVFDSIRTKVYTMMDFVIYRYYIEEDAKVAAANKSLPDNEKSLSEKDIFVI
NLRGSFNDDQKDALYYDEANRIWRKLENIMHNIKEFRGNKTREYKKKDAPRLPRILPAGRDVSAFSKLMYALTMFLDGKE
INDLLTTLINKFDNIQSFLKVMPLIGVNAKFVEEYAFFKDSAKIADELRLIKSFARMGEPIADARRAMYIDAIRILGTNL
SYDELKALADTFSLDENGNKLKKGKHGMRNFIINNVISNKRFHYLIRYGDPAHLHEIAKNEAVVKFVLGRIADIQKKQGQ
NGKNQIDRYYETCIGKDKGKSVSEKVDALTKIITGMNYDQFDKKRSVIEDTGRENAEREKFKKIISLYLTVIYHILKNIV
NINARYVIGFHCVERDAQLYKEKGYDINLKKLEEKGFSSVTKLCAGIDETAPDKRKDVEKEMAERAKESIDSLESANPKL
YANYIKYSDEKKAEEFTRQINREKAKTALNAYLRNTKWNVIIREDLLRIDNKTCTLFANKAVALEVARYVHAYINDIAEV
NSYFQLYHYIMQRIIMNERYEKSSGKVSEYFDAVNDEKKYNDRLLKLLCVPFGYCIPRFKNLSIEALFDRNEAAKFDKEK
KKVSGNS
;
A
2 'polyribonucleotide' AACCCCUACCAACUGGUCGGGGUUUGAAACGCCAACGAACAUCAUGACAGCGCCC B
3 'polyribonucleotide' UGGGCGCUGUCAUGAUGUUCGUUGGCUUCC C
#
# COMPACT_ATOMS: atom_id res chain seq x y z
N SER A 7 -13.01 -8.11 18.00
CA SER A 7 -14.19 -8.40 18.80
C SER A 7 -14.45 -9.90 18.89
N PHE A 8 -15.13 -10.32 19.96
CA PHE A 8 -15.37 -11.74 20.15
C PHE A 8 -16.49 -12.25 19.24
N ALA A 9 -17.49 -11.43 18.94
CA ALA A 9 -18.59 -11.88 18.10
C ALA A 9 -18.13 -12.15 16.67
N LYS A 10 -17.20 -11.35 16.16
CA LYS A 10 -16.78 -11.51 14.78
C LYS A 10 -16.05 -12.83 14.56
N GLY A 11 -15.05 -13.14 15.38
CA GLY A 11 -14.38 -14.42 15.28
C GLY A 11 -15.17 -15.57 15.88
N MET A 12 -16.26 -15.25 16.59
CA MET A 12 -17.06 -16.28 17.24
C MET A 12 -17.90 -17.05 16.23
N GLY A 13 -18.16 -16.46 15.08
CA GLY A 13 -18.95 -17.13 14.05
C GLY A 13 -19.88 -16.24 13.27
N VAL A 14 -19.93 -14.96 13.60
CA VAL A 14 -20.78 -13.99 12.89
C VAL A 14 -19.88 -13.12 12.04
N LYS A 15 -20.23 -12.98 10.75
CA LYS A 15 -19.39 -12.26 9.81
C LYS A 15 -19.99 -10.94 9.35
N SER A 16 -21.23 -10.96 8.86
CA SER A 16 -21.88 -9.73 8.41
C SER A 16 -23.38 -9.83 8.68
N THR A 17 -24.00 -8.67 8.85
CA THR A 17 -25.44 -8.56 9.07
C THR A 17 -26.01 -7.64 8.01
N LEU A 18 -26.65 -8.21 7.00
CA LEU A 18 -27.13 -7.47 5.84
C LEU A 18 -28.64 -7.23 5.96
N VAL A 19 -29.10 -6.16 5.32
CA VAL A 19 -30.50 -5.76 5.35
C VAL A 19 -31.00 -5.66 3.91
N SER A 20 -32.10 -6.37 3.63
CA SER A 20 -32.78 -6.26 2.34
C SER A 20 -34.28 -6.29 2.59
N GLY A 21 -34.96 -5.24 2.14
CA GLY A 21 -36.39 -5.13 2.41
C GLY A 21 -36.63 -5.05 3.90
N SER A 22 -37.52 -5.91 4.40
CA SER A 22 -37.82 -5.99 5.82
C SER A 22 -37.13 -7.16 6.49
N LYS A 23 -36.26 -7.87 5.78
CA LYS A 23 -35.57 -9.03 6.30
C LYS A 23 -34.14 -8.67 6.70
N VAL A 24 -33.56 -9.52 7.56
CA VAL A 24 -32.19 -9.39 8.00
C VAL A 24 -31.46 -10.67 7.63
N TYR A 25 -30.32 -10.53 6.96
CA TYR A 25 -29.56 -11.67 6.44
C TYR A 25 -28.21 -11.71 7.15
N MET A 26 -28.09 -12.58 8.15
CA MET A 26 -26.79 -12.83 8.74
C MET A 26 -25.96 -13.72 7.84
N THR A 27 -24.67 -13.79 8.12
CA THR A 27 -23.75 -14.63 7.37
C THR A 27 -22.71 -15.21 8.29
N THR A 28 -22.61 -16.54 8.33
CA THR A 28 -21.49 -17.21 8.96
C THR A 28 -20.43 -17.50 7.90
N PHE A 29 -19.24 -17.83 8.37
CA PHE A 29 -18.12 -17.98 7.45
C PHE A 29 -18.30 -19.21 6.56
N ALA A 30 -17.61 -19.17 5.41
CA ALA A 30 -17.64 -20.26 4.45
C ALA A 30 -16.21 -20.45 3.93
N GLU A 31 -16.09 -21.20 2.84
CA GLU A 31 -14.77 -21.48 2.29
C GLU A 31 -14.08 -20.20 1.84
N GLY A 32 -12.85 -20.01 2.28
CA GLY A 32 -12.09 -18.84 1.89
C GLY A 32 -12.78 -17.55 2.30
N SER A 33 -12.79 -16.59 1.37
CA SER A 33 -13.44 -15.30 1.60
C SER A 33 -14.90 -15.29 1.18
N ASP A 34 -15.43 -16.43 0.74
CA ASP A 34 -16.82 -16.51 0.32
C ASP A 34 -17.74 -16.41 1.55
N ALA A 35 -19.04 -16.55 1.30
CA ALA A 35 -20.03 -16.41 2.36
C ALA A 35 -21.16 -17.40 2.14
N ARG A 36 -21.79 -17.81 3.23
CA ARG A 36 -22.97 -18.66 3.20
C ARG A 36 -24.05 -18.07 4.09
N LEU A 37 -25.29 -18.08 3.59
CA LEU A 37 -26.41 -17.58 4.35
C LEU A 37 -26.80 -18.61 5.41
N GLU A 38 -27.00 -18.14 6.64
CA GLU A 38 -27.33 -19.05 7.73
C GLU A 38 -28.55 -18.61 8.53
N LYS A 39 -28.91 -17.34 8.49
CA LYS A 39 -29.99 -16.81 9.33
C LYS A 39 -30.95 -16.00 8.47
N ILE A 40 -32.22 -15.99 8.88
CA ILE A 40 -33.27 -15.20 8.26
C ILE A 40 -34.11 -14.61 9.39
N VAL A 41 -33.90 -13.33 9.68
CA VAL A 41 -34.61 -12.66 10.77
C VAL A 41 -35.80 -11.90 10.19
N GLU A 42 -36.97 -12.11 10.78
CA GLU A 42 -38.17 -11.40 10.36
C GLU A 42 -39.15 -11.36 11.53
N GLY A 43 -39.61 -10.17 11.87
CA GLY A 43 -40.50 -10.04 13.01
C GLY A 43 -39.79 -10.46 14.28
N ASP A 44 -40.35 -11.47 14.95
CA ASP A 44 -39.75 -12.06 16.14
C ASP A 44 -39.53 -13.55 15.96
N SER A 45 -38.93 -13.96 14.86
CA SER A 45 -38.85 -15.36 14.47
C SER A 45 -37.42 -15.82 14.34
N ILE A 46 -37.23 -17.13 14.45
CA ILE A 46 -35.92 -17.78 14.37
C ILE A 46 -36.00 -18.84 13.28
N ARG A 47 -35.25 -18.65 12.20
CA ARG A 47 -35.38 -19.52 11.03
C ARG A 47 -34.00 -19.88 10.46
N SER A 48 -33.10 -20.36 11.31
CA SER A 48 -31.81 -20.85 10.86
C SER A 48 -31.99 -21.89 9.75
N VAL A 49 -31.22 -21.74 8.68
CA VAL A 49 -31.42 -22.52 7.46
C VAL A 49 -30.49 -23.71 7.37
N ASN A 50 -29.20 -23.54 7.68
CA ASN A 50 -28.24 -24.61 7.47
C ASN A 50 -28.49 -25.78 8.43
N GLU A 51 -28.13 -26.98 7.97
CA GLU A 51 -28.26 -28.16 8.80
C GLU A 51 -27.37 -28.07 10.04
N GLY A 52 -26.12 -27.70 9.85
CA GLY A 52 -25.22 -27.53 10.98
C GLY A 52 -25.15 -26.09 11.43
N GLU A 53 -25.67 -25.82 12.63
CA GLU A 53 -25.71 -24.46 13.16
C GLU A 53 -24.30 -24.03 13.54
N ALA A 54 -23.75 -23.06 12.81
CA ALA A 54 -22.44 -22.51 13.17
C ALA A 54 -22.49 -21.78 14.50
N PHE A 55 -23.58 -21.05 14.76
CA PHE A 55 -23.76 -20.39 16.04
C PHE A 55 -25.26 -20.23 16.29
N SER A 56 -25.60 -19.95 17.54
CA SER A 56 -26.99 -19.76 17.95
C SER A 56 -27.17 -18.35 18.47
N ALA A 57 -28.23 -17.69 18.02
CA ALA A 57 -28.56 -16.34 18.46
C ALA A 57 -30.04 -16.26 18.77
N GLU A 58 -30.39 -15.48 19.78
CA GLU A 58 -31.78 -15.30 20.18
C GLU A 58 -32.01 -13.86 20.59
N MET A 59 -33.29 -13.48 20.62
CA MET A 59 -33.68 -12.09 20.85
C MET A 59 -33.23 -11.62 22.22
N ALA A 60 -32.63 -10.43 22.28
CA ALA A 60 -32.20 -9.84 23.54
C ALA A 60 -33.31 -8.94 24.08
N ASP A 61 -32.99 -8.15 25.10
CA ASP A 61 -33.99 -7.31 25.75
C ASP A 61 -34.40 -6.14 24.85
N LYS A 62 -35.70 -5.85 24.85
CA LYS A 62 -36.28 -4.70 24.16
C LYS A 62 -36.01 -4.74 22.65
N ASN A 63 -35.71 -5.92 22.10
CA ASN A 63 -35.48 -6.10 20.67
C ASN A 63 -34.31 -5.25 20.18
N ALA A 64 -33.39 -4.91 21.08
CA ALA A 64 -32.28 -4.02 20.75
C ALA A 64 -31.02 -4.77 20.32
N GLY A 65 -31.08 -6.09 20.23
CA GLY A 65 -29.90 -6.85 19.87
C GLY A 65 -30.19 -8.33 19.93
N TYR A 66 -29.15 -9.12 19.66
CA TYR A 66 -29.23 -10.58 19.68
C TYR A 66 -28.18 -11.10 20.64
N LYS A 67 -28.60 -11.87 21.63
CA LYS A 67 -27.68 -12.43 22.62
C LYS A 67 -27.08 -13.69 22.01
N ILE A 68 -25.95 -13.52 21.32
CA ILE A 68 -25.28 -14.63 20.67
C ILE A 68 -24.65 -15.54 21.72
N GLY A 69 -24.88 -16.84 21.59
CA GLY A 69 -24.31 -17.79 22.54
C GLY A 69 -24.23 -19.18 21.94
N ASN A 70 -23.76 -20.12 22.77
CA ASN A 70 -23.63 -21.52 22.39
C ASN A 70 -22.79 -21.67 21.11
N ALA A 71 -21.73 -20.87 21.02
CA ALA A 71 -20.83 -20.91 19.89
C ALA A 71 -19.59 -21.74 20.25
N LYS A 72 -18.56 -21.64 19.42
CA LYS A 72 -17.35 -22.44 19.62
C LYS A 72 -16.72 -22.17 20.98
N PHE A 73 -16.48 -20.90 21.31
CA PHE A 73 -15.86 -20.55 22.58
C PHE A 73 -16.61 -19.38 23.21
N SER A 74 -16.63 -19.37 24.54
CA SER A 74 -17.46 -18.44 25.30
C SER A 74 -16.65 -17.23 25.75
N HIS A 75 -17.33 -16.31 26.44
CA HIS A 75 -16.68 -15.09 26.90
C HIS A 75 -15.72 -15.39 28.03
N PRO A 76 -14.48 -14.90 27.98
CA PRO A 76 -13.53 -15.20 29.05
C PRO A 76 -13.99 -14.78 30.43
N LYS A 77 -14.72 -13.67 30.55
CA LYS A 77 -15.12 -13.14 31.85
C LYS A 77 -16.62 -13.27 32.10
N GLY A 78 -17.32 -14.03 31.27
CA GLY A 78 -18.73 -14.30 31.51
C GLY A 78 -19.65 -13.10 31.40
N TYR A 79 -19.79 -12.56 30.19
CA TYR A 79 -20.76 -11.52 29.90
C TYR A 79 -21.46 -11.83 28.60
N ALA A 80 -22.69 -11.33 28.47
CA ALA A 80 -23.47 -11.56 27.27
C ALA A 80 -22.88 -10.81 26.09
N VAL A 81 -22.84 -11.48 24.93
CA VAL A 81 -22.37 -10.88 23.69
C VAL A 81 -23.59 -10.56 22.84
N VAL A 82 -23.79 -9.28 22.53
CA VAL A 82 -24.99 -8.79 21.87
C VAL A 82 -24.59 -8.14 20.54
N ALA A 83 -25.30 -8.50 19.48
CA ALA A 83 -25.08 -7.95 18.15
C ALA A 83 -26.19 -6.95 17.83
N ASN A 84 -25.82 -5.78 17.35
CA ASN A 84 -26.78 -4.70 17.14
C ASN A 84 -27.76 -5.05 16.03
N ASN A 85 -29.03 -4.74 16.27
CA ASN A 85 -30.07 -4.90 15.26
C ASN A 85 -30.03 -3.72 14.30
N PRO A 86 -29.86 -3.95 12.99
CA PRO A 86 -29.82 -2.82 12.05
C PRO A 86 -31.17 -2.17 11.81
N LEU A 87 -32.26 -2.75 12.29
CA LEU A 87 -33.60 -2.17 12.13
C LEU A 87 -34.10 -1.54 13.42
N TYR A 88 -33.21 -1.28 14.38
CA TYR A 88 -33.64 -0.72 15.66
C TYR A 88 -33.93 0.77 15.53
N THR A 89 -33.00 1.53 14.95
CA THR A 89 -33.20 2.97 14.80
C THR A 89 -34.38 3.27 13.88
N GLY A 90 -34.49 2.55 12.78
CA GLY A 90 -35.53 2.78 11.81
C GLY A 90 -35.19 2.15 10.47
N PRO A 91 -35.29 2.94 9.40
CA PRO A 91 -34.87 2.44 8.08
C PRO A 91 -33.36 2.24 8.02
N VAL A 92 -32.86 1.86 6.84
CA VAL A 92 -31.46 1.55 6.65
C VAL A 92 -30.59 2.72 7.08
N GLN A 93 -29.52 2.43 7.82
CA GLN A 93 -28.60 3.47 8.27
C GLN A 93 -27.91 4.10 7.06
N GLN A 94 -27.65 5.39 7.17
CA GLN A 94 -27.08 6.17 6.09
C GLN A 94 -25.56 6.25 6.22
N ASP A 95 -24.91 6.51 5.09
CA ASP A 95 -23.49 6.79 5.09
C ASP A 95 -23.21 8.03 5.92
N MET A 96 -22.09 8.03 6.64
CA MET A 96 -21.77 9.17 7.49
C MET A 96 -21.54 10.43 6.66
N LEU A 97 -21.17 10.28 5.39
CA LEU A 97 -21.02 11.43 4.51
C LEU A 97 -22.34 11.87 3.89
N GLY A 98 -23.40 11.08 4.02
CA GLY A 98 -24.67 11.39 3.42
C GLY A 98 -24.67 11.35 1.90
N LEU A 99 -23.96 10.40 1.31
CA LEU A 99 -23.83 10.30 -0.14
C LEU A 99 -24.12 8.89 -0.63
N LYS A 100 -25.05 8.19 0.03
CA LYS A 100 -25.40 6.83 -0.39
C LYS A 100 -26.05 6.82 -1.77
N GLU A 101 -27.08 7.65 -1.95
CA GLU A 101 -27.89 7.57 -3.16
C GLU A 101 -27.09 7.95 -4.40
N THR A 102 -26.28 9.00 -4.30
CA THR A 102 -25.56 9.48 -5.49
C THR A 102 -24.54 8.46 -5.98
N LEU A 103 -23.77 7.86 -5.06
CA LEU A 103 -22.82 6.83 -5.47
C LEU A 103 -23.54 5.58 -5.98
N GLU A 104 -24.65 5.20 -5.34
CA GLU A 104 -25.39 4.05 -5.84
C GLU A 104 -25.88 4.29 -7.26
N LYS A 105 -26.41 5.48 -7.53
CA LYS A 105 -26.90 5.80 -8.87
C LYS A 105 -25.75 5.87 -9.87
N ARG A 106 -24.61 6.42 -9.46
CA ARG A 106 -23.47 6.53 -10.36
C ARG A 106 -22.94 5.15 -10.74
N TYR A 107 -22.87 4.23 -9.79
CA TYR A 107 -22.21 2.97 -10.03
C TYR A 107 -23.15 1.90 -10.60
N PHE A 108 -24.32 1.72 -9.99
CA PHE A 108 -25.26 0.69 -10.41
C PHE A 108 -26.40 1.23 -11.27
N GLY A 109 -26.37 2.50 -11.64
CA GLY A 109 -27.41 3.03 -12.49
C GLY A 109 -28.76 3.05 -11.80
N GLU A 110 -29.81 2.84 -12.58
CA GLU A 110 -31.18 2.82 -12.06
C GLU A 110 -31.55 1.48 -11.46
N SER A 111 -30.70 0.46 -11.61
CA SER A 111 -31.03 -0.86 -11.09
C SER A 111 -31.14 -0.86 -9.57
N ALA A 112 -30.24 -0.15 -8.90
CA ALA A 112 -30.22 -0.15 -7.44
C ALA A 112 -31.48 0.51 -6.89
N ASP A 113 -32.28 -0.24 -6.15
CA ASP A 113 -33.50 0.31 -5.58
C ASP A 113 -33.21 1.30 -4.47
N GLY A 114 -32.23 1.01 -3.62
CA GLY A 114 -31.86 1.86 -2.51
C GLY A 114 -32.27 1.35 -1.15
N ASN A 115 -33.13 0.35 -1.07
CA ASN A 115 -33.57 -0.21 0.20
C ASN A 115 -32.76 -1.46 0.55
N ASP A 116 -31.45 -1.26 0.72
CA ASP A 116 -30.53 -2.36 1.00
C ASP A 116 -29.26 -1.79 1.60
N ASN A 117 -28.43 -2.68 2.14
CA ASN A 117 -27.20 -2.30 2.82
C ASN A 117 -25.99 -3.08 2.30
N ILE A 118 -26.01 -3.52 1.04
CA ILE A 118 -24.90 -4.26 0.49
C ILE A 118 -24.20 -3.52 -0.66
N CYS A 119 -24.90 -2.62 -1.35
CA CYS A 119 -24.28 -1.92 -2.47
C CYS A 119 -23.17 -0.99 -2.01
N ILE A 120 -23.45 -0.16 -1.01
CA ILE A 120 -22.48 0.83 -0.55
C ILE A 120 -21.35 0.19 0.24
N GLN A 121 -21.44 -1.09 0.54
CA GLN A 121 -20.26 -1.80 1.05
C GLN A 121 -19.37 -2.28 -0.09
N VAL A 122 -19.95 -2.60 -1.24
CA VAL A 122 -19.14 -2.93 -2.41
C VAL A 122 -18.47 -1.68 -2.97
N ILE A 123 -19.17 -0.55 -2.98
CA ILE A 123 -18.63 0.66 -3.56
C ILE A 123 -17.40 1.14 -2.79
N HIS A 124 -17.40 1.03 -1.46
CA HIS A 124 -16.27 1.49 -0.69
C HIS A 124 -15.00 0.70 -1.01
N ASN A 125 -15.14 -0.56 -1.44
CA ASN A 125 -13.95 -1.32 -1.82
C ASN A 125 -13.33 -0.74 -3.09
N ILE A 126 -14.15 -0.34 -4.05
CA ILE A 126 -13.64 0.36 -5.23
C ILE A 126 -13.01 1.69 -4.82
N LEU A 127 -13.64 2.38 -3.87
CA LEU A 127 -13.09 3.64 -3.37
C LEU A 127 -11.71 3.43 -2.75
N ASP A 128 -11.52 2.31 -2.05
CA ASP A 128 -10.21 2.01 -1.48
C ASP A 128 -9.21 1.59 -2.56
N ILE A 129 -9.68 0.94 -3.63
CA ILE A 129 -8.81 0.68 -4.77
C ILE A 129 -8.30 2.00 -5.35
N GLU A 130 -9.18 3.01 -5.39
CA GLU A 130 -8.77 4.30 -5.92
C GLU A 130 -7.67 4.95 -5.07
N LYS A 131 -7.67 4.69 -3.76
CA LYS A 131 -6.75 5.39 -2.88
C LYS A 131 -5.46 4.60 -2.62
N ILE A 132 -5.50 3.26 -2.75
CA ILE A 132 -4.30 2.47 -2.53
C ILE A 132 -3.22 2.80 -3.56
N LEU A 133 -3.62 2.94 -4.82
CA LEU A 133 -2.63 3.09 -5.88
C LEU A 133 -1.91 4.43 -5.82
N ALA A 134 -2.40 5.37 -5.00
CA ALA A 134 -1.76 6.69 -4.91
C ALA A 134 -0.33 6.57 -4.42
N GLU A 135 -0.10 5.78 -3.37
CA GLU A 135 1.24 5.64 -2.82
C GLU A 135 2.20 5.07 -3.86
N TYR A 136 1.77 4.01 -4.54
CA TYR A 136 2.67 3.31 -5.45
C TYR A 136 2.90 4.08 -6.73
N ILE A 137 1.88 4.76 -7.27
CA ILE A 137 2.12 5.60 -8.44
C ILE A 137 3.00 6.78 -8.06
N THR A 138 2.82 7.32 -6.85
CA THR A 138 3.67 8.41 -6.38
C THR A 138 5.13 7.98 -6.38
N ASN A 139 5.41 6.83 -5.77
CA ASN A 139 6.78 6.33 -5.72
C ASN A 139 7.33 6.05 -7.12
N ALA A 140 6.52 5.39 -7.97
CA ALA A 140 6.99 5.03 -9.30
C ALA A 140 7.27 6.26 -10.15
N ALA A 141 6.38 7.25 -10.10
CA ALA A 141 6.60 8.49 -10.83
C ALA A 141 7.81 9.24 -10.31
N TYR A 142 8.01 9.26 -9.00
CA TYR A 142 9.20 9.93 -8.45
C TYR A 142 10.48 9.25 -8.92
N ALA A 143 10.46 7.92 -9.02
CA ALA A 143 11.65 7.19 -9.46
C ALA A 143 12.06 7.62 -10.87
N VAL A 144 11.11 7.66 -11.80
CA VAL A 144 11.44 8.07 -13.16
C VAL A 144 11.73 9.56 -13.23
N ASN A 145 11.05 10.37 -12.42
CA ASN A 145 11.28 11.81 -12.42
C ASN A 145 12.71 12.13 -12.03
N ASN A 146 13.22 11.45 -11.00
CA ASN A 146 14.57 11.72 -10.54
C ASN A 146 15.61 11.37 -11.58
N ILE A 147 15.41 10.27 -12.31
CA ILE A 147 16.36 9.82 -13.34
C ILE A 147 16.04 10.62 -14.59
N SER A 148 16.82 11.69 -14.81
CA SER A 148 16.72 12.55 -15.99
C SER A 148 15.38 13.27 -16.06
N GLY A 149 15.22 14.15 -17.04
CA GLY A 149 14.03 14.95 -17.14
C GLY A 149 13.79 15.86 -15.96
N LEU A 150 14.87 16.39 -15.37
CA LEU A 150 14.79 17.19 -14.16
C LEU A 150 14.84 18.69 -14.45
N ASP A 151 14.80 19.09 -15.73
CA ASP A 151 14.77 20.51 -16.06
C ASP A 151 13.51 21.16 -15.49
N LYS A 152 12.34 20.75 -15.99
CA LYS A 152 11.06 21.17 -15.44
C LYS A 152 10.31 19.99 -14.84
N ASP A 153 10.03 18.96 -15.65
CA ASP A 153 9.35 17.76 -15.20
C ASP A 153 9.29 16.77 -16.37
N ILE A 154 9.12 15.50 -16.02
CA ILE A 154 8.81 14.44 -16.97
C ILE A 154 7.65 13.65 -16.38
N ILE A 155 7.00 12.85 -17.22
CA ILE A 155 5.80 12.07 -16.88
C ILE A 155 4.90 12.83 -15.90
N GLY A 156 4.60 14.09 -16.23
CA GLY A 156 3.77 14.93 -15.40
C GLY A 156 2.33 14.98 -15.88
N PHE A 157 1.63 16.01 -15.40
CA PHE A 157 0.22 16.15 -15.76
C PHE A 157 0.06 16.72 -17.16
N GLY A 158 1.11 17.33 -17.71
CA GLY A 158 1.07 17.85 -19.06
C GLY A 158 1.99 17.11 -20.01
N LYS A 159 2.72 16.13 -19.49
CA LYS A 159 3.70 15.38 -20.27
C LYS A 159 3.13 14.03 -20.67
N PHE A 160 3.17 13.74 -21.97
CA PHE A 160 2.70 12.48 -22.57
C PHE A 160 1.19 12.36 -22.44
N SER A 161 0.55 11.67 -23.39
CA SER A 161 -0.91 11.63 -23.42
C SER A 161 -1.47 10.24 -23.67
N THR A 162 -0.62 9.32 -24.15
CA THR A 162 -0.90 7.92 -24.47
C THR A 162 -2.10 7.78 -25.40
N VAL A 163 -2.56 8.89 -25.96
CA VAL A 163 -3.59 8.89 -26.99
C VAL A 163 -3.04 9.29 -28.35
N TYR A 164 -1.75 9.60 -28.42
CA TYR A 164 -1.10 9.98 -29.67
C TYR A 164 -0.22 8.82 -30.13
N THR A 165 -0.49 8.33 -31.35
CA THR A 165 0.30 7.24 -31.90
C THR A 165 1.75 7.69 -32.10
N TYR A 166 2.68 6.75 -31.92
CA TYR A 166 4.10 7.08 -32.05
C TYR A 166 4.43 7.56 -33.46
N ASP A 167 3.79 6.98 -34.47
CA ASP A 167 3.95 7.50 -35.83
C ASP A 167 3.44 8.94 -35.91
N GLU A 168 2.35 9.24 -35.20
CA GLU A 168 1.82 10.59 -35.15
C GLU A 168 2.58 11.49 -34.17
N PHE A 169 3.42 10.91 -33.31
CA PHE A 169 4.16 11.67 -32.32
C PHE A 169 5.54 12.09 -32.82
N LYS A 170 6.26 11.18 -33.47
CA LYS A 170 7.60 11.49 -33.97
C LYS A 170 7.54 12.51 -35.09
N ASP A 171 6.58 12.37 -36.01
CA ASP A 171 6.45 13.25 -37.18
C ASP A 171 5.03 13.81 -37.22
N PRO A 172 4.77 14.91 -36.51
CA PRO A 172 3.41 15.48 -36.52
C PRO A 172 2.94 15.93 -37.91
N GLU A 173 3.87 16.25 -38.80
CA GLU A 173 3.49 16.79 -40.11
C GLU A 173 2.73 15.75 -40.93
N HIS A 174 3.26 14.53 -41.04
CA HIS A 174 2.65 13.51 -41.87
C HIS A 174 1.39 12.91 -41.26
N HIS A 175 1.08 13.23 -40.01
CA HIS A 175 -0.07 12.66 -39.31
C HIS A 175 -0.88 13.76 -38.64
N ARG A 176 -1.18 14.81 -39.39
CA ARG A 176 -1.91 15.97 -38.87
C ARG A 176 -3.43 15.81 -38.98
N ALA A 177 -3.92 14.68 -39.47
CA ALA A 177 -5.35 14.52 -39.69
C ALA A 177 -6.13 14.51 -38.39
N ALA A 178 -5.58 13.91 -37.33
CA ALA A 178 -6.31 13.73 -36.08
C ALA A 178 -6.20 14.92 -35.14
N PHE A 179 -5.44 15.96 -35.49
CA PHE A 179 -5.24 17.10 -34.62
C PHE A 179 -6.06 18.32 -35.02
N ASN A 180 -6.90 18.20 -36.04
CA ASN A 180 -7.79 19.27 -36.48
C ASN A 180 -7.01 20.53 -36.88
N ASN A 181 -5.79 20.35 -37.37
CA ASN A 181 -4.95 21.43 -37.88
C ASN A 181 -4.71 22.51 -36.83
N ASN A 182 -4.03 22.12 -35.76
CA ASN A 182 -3.64 23.02 -34.68
C ASN A 182 -2.16 23.36 -34.80
N ASP A 183 -1.81 24.60 -34.47
CA ASP A 183 -0.46 25.10 -34.66
C ASP A 183 0.38 25.11 -33.39
N LYS A 184 -0.23 25.37 -32.22
CA LYS A 184 0.52 25.37 -30.98
C LYS A 184 0.85 23.95 -30.53
N LEU A 185 -0.11 23.04 -30.63
CA LEU A 185 0.07 21.67 -30.14
C LEU A 185 1.14 20.94 -30.93
N ILE A 186 1.20 21.15 -32.25
CA ILE A 186 2.19 20.44 -33.06
C ILE A 186 3.60 20.85 -32.66
N ASN A 187 3.83 22.14 -32.43
CA ASN A 187 5.16 22.58 -32.03
C ASN A 187 5.49 22.14 -30.60
N ALA A 188 4.49 22.17 -29.71
CA ALA A 188 4.72 21.68 -28.35
C ALA A 188 5.11 20.21 -28.35
N ILE A 189 4.40 19.39 -29.14
CA ILE A 189 4.72 17.98 -29.24
C ILE A 189 6.04 17.75 -29.97
N LYS A 190 6.42 18.64 -30.89
CA LYS A 190 7.76 18.56 -31.47
C LYS A 190 8.83 18.75 -30.40
N ALA A 191 8.63 19.73 -29.51
CA ALA A 191 9.56 19.93 -28.40
C ALA A 191 9.57 18.71 -27.48
N GLN A 192 8.40 18.14 -27.21
CA GLN A 192 8.32 16.93 -26.39
C GLN A 192 9.07 15.77 -27.04
N TYR A 193 8.95 15.63 -28.36
CA TYR A 193 9.66 14.56 -29.06
C TYR A 193 11.16 14.80 -29.03
N ASP A 194 11.60 16.05 -29.14
CA ASP A 194 13.01 16.36 -28.98
C ASP A 194 13.50 15.92 -27.60
N GLU A 195 12.73 16.27 -26.57
CA GLU A 195 13.10 15.88 -25.21
C GLU A 195 13.14 14.36 -25.05
N PHE A 196 12.14 13.67 -25.61
CA PHE A 196 12.10 12.21 -25.49
C PHE A 196 13.27 11.56 -26.21
N ASP A 197 13.61 12.04 -27.40
CA ASP A 197 14.74 11.47 -28.12
C ASP A 197 16.05 11.72 -27.38
N ASN A 198 16.20 12.91 -26.79
CA ASN A 198 17.40 13.19 -26.01
C ASN A 198 17.48 12.29 -24.77
N PHE A 199 16.33 12.09 -24.10
CA PHE A 199 16.31 11.35 -22.85
C PHE A 199 16.42 9.85 -23.05
N LEU A 200 15.94 9.32 -24.18
CA LEU A 200 15.92 7.88 -24.39
C LEU A 200 17.34 7.32 -24.43
N ASP A 201 18.30 8.10 -24.90
CA ASP A 201 19.68 7.65 -25.00
C ASP A 201 20.45 7.79 -23.69
N ASN A 202 19.82 8.31 -22.64
CA ASN A 202 20.52 8.54 -21.38
C ASN A 202 20.99 7.22 -20.79
N PRO A 203 22.27 7.08 -20.46
CA PRO A 203 22.72 5.86 -19.76
C PRO A 203 22.10 5.70 -18.39
N ARG A 204 21.56 6.77 -17.81
CA ARG A 204 20.92 6.69 -16.50
C ARG A 204 19.66 5.84 -16.53
N LEU A 205 19.13 5.52 -17.72
CA LEU A 205 17.90 4.75 -17.85
C LEU A 205 18.06 3.29 -17.46
N GLY A 206 19.29 2.82 -17.24
CA GLY A 206 19.49 1.41 -16.99
C GLY A 206 19.08 0.95 -15.61
N TYR A 207 18.83 1.88 -14.69
CA TYR A 207 18.49 1.50 -13.32
C TYR A 207 17.20 0.68 -13.29
N PHE A 208 16.22 1.06 -14.08
CA PHE A 208 15.00 0.28 -14.21
C PHE A 208 15.25 -0.92 -15.11
N GLY A 209 14.45 -1.97 -14.89
CA GLY A 209 14.75 -3.26 -15.49
C GLY A 209 14.06 -3.54 -16.81
N GLN A 210 13.11 -4.49 -16.80
CA GLN A 210 12.51 -5.00 -18.02
C GLN A 210 11.65 -3.97 -18.75
N ALA A 211 11.32 -2.84 -18.11
CA ALA A 211 10.46 -1.85 -18.77
C ALA A 211 11.14 -1.25 -19.99
N PHE A 212 12.42 -0.93 -19.89
CA PHE A 212 13.11 -0.18 -20.93
C PHE A 212 14.20 -0.99 -21.61
N PHE A 213 15.07 -1.63 -20.84
CA PHE A 213 16.20 -2.38 -21.38
C PHE A 213 15.90 -3.87 -21.24
N SER A 214 15.71 -4.54 -22.37
CA SER A 214 15.21 -5.90 -22.39
C SER A 214 16.32 -6.92 -22.66
N LYS A 215 16.02 -8.18 -22.35
CA LYS A 215 16.96 -9.26 -22.54
C LYS A 215 16.94 -9.76 -23.98
N GLU A 216 18.12 -9.83 -24.60
CA GLU A 216 18.30 -10.53 -25.86
C GLU A 216 19.28 -11.68 -25.75
N GLY A 217 20.47 -11.43 -25.19
CA GLY A 217 21.46 -12.47 -24.98
C GLY A 217 22.21 -12.28 -23.68
N ARG A 218 23.55 -12.33 -23.74
CA ARG A 218 24.35 -12.08 -22.56
C ARG A 218 24.23 -10.64 -22.09
N ASN A 219 24.00 -9.69 -23.00
CA ASN A 219 23.90 -8.29 -22.66
C ASN A 219 22.53 -7.75 -23.05
N TYR A 220 22.00 -6.86 -22.21
CA TYR A 220 20.72 -6.25 -22.48
C TYR A 220 20.81 -5.37 -23.72
N ILE A 221 19.72 -5.32 -24.49
CA ILE A 221 19.63 -4.51 -25.69
C ILE A 221 18.39 -3.63 -25.58
N ILE A 222 18.57 -2.33 -25.83
CA ILE A 222 17.44 -1.41 -25.78
C ILE A 222 16.45 -1.77 -26.89
N ASN A 223 15.17 -1.72 -26.54
CA ASN A 223 14.13 -1.94 -27.54
C ASN A 223 13.99 -0.71 -28.43
N TYR A 224 13.15 -0.83 -29.45
CA TYR A 224 12.86 0.32 -30.30
C TYR A 224 12.11 1.37 -29.51
N GLY A 225 12.19 2.61 -30.00
CA GLY A 225 11.54 3.72 -29.31
C GLY A 225 10.04 3.54 -29.14
N ASN A 226 9.43 2.69 -29.96
CA ASN A 226 8.00 2.41 -29.84
C ASN A 226 7.64 1.92 -28.44
N GLU A 227 8.35 0.88 -27.97
CA GLU A 227 7.99 0.27 -26.69
C GLU A 227 8.24 1.22 -25.53
N CYS A 228 9.39 1.89 -25.52
CA CYS A 228 9.70 2.81 -24.43
C CYS A 228 8.72 3.98 -24.40
N TYR A 229 8.38 4.51 -25.58
CA TYR A 229 7.41 5.58 -25.64
C TYR A 229 6.05 5.13 -25.13
N ASP A 230 5.64 3.91 -25.49
CA ASP A 230 4.37 3.38 -25.00
C ASP A 230 4.37 3.22 -23.50
N ILE A 231 5.48 2.73 -22.93
CA ILE A 231 5.53 2.53 -21.48
C ILE A 231 5.48 3.85 -20.75
N LEU A 232 6.26 4.84 -21.21
CA LEU A 232 6.20 6.16 -20.58
C LEU A 232 4.82 6.78 -20.72
N ALA A 233 4.19 6.60 -21.88
CA ALA A 233 2.85 7.14 -22.11
C ALA A 233 1.83 6.48 -21.19
N LEU A 234 1.98 5.17 -20.95
CA LEU A 234 1.05 4.48 -20.06
C LEU A 234 1.24 4.90 -18.60
N LEU A 235 2.48 5.09 -18.17
CA LEU A 235 2.70 5.59 -16.82
C LEU A 235 2.14 7.00 -16.66
N SER A 236 2.35 7.85 -17.67
CA SER A 236 1.74 9.17 -17.65
C SER A 236 0.22 9.08 -17.68
N GLY A 237 -0.33 8.08 -18.35
CA GLY A 237 -1.77 7.89 -18.36
C GLY A 237 -2.30 7.49 -17.00
N LEU A 238 -1.57 6.66 -16.27
CA LEU A 238 -1.93 6.36 -14.89
C LEU A 238 -1.91 7.63 -14.04
N ALA A 239 -0.86 8.44 -14.20
CA ALA A 239 -0.77 9.69 -13.45
C ALA A 239 -1.94 10.61 -13.80
N HIS A 240 -2.31 10.67 -15.08
CA HIS A 240 -3.45 11.50 -15.50
C HIS A 240 -4.75 10.97 -14.93
N TRP A 241 -4.93 9.64 -14.92
CA TRP A 241 -6.17 9.05 -14.43
C TRP A 241 -6.37 9.32 -12.95
N VAL A 242 -5.30 9.17 -12.16
CA VAL A 242 -5.46 9.33 -10.73
C VAL A 242 -5.77 10.78 -10.36
N VAL A 243 -5.02 11.72 -10.91
CA VAL A 243 -5.19 13.14 -10.58
C VAL A 243 -5.69 13.84 -11.83
N ALA A 244 -6.88 14.43 -11.74
CA ALA A 244 -7.49 15.14 -12.85
C ALA A 244 -7.39 16.65 -12.65
N SER A 250 -8.99 17.07 -21.68
CA SER A 250 -8.28 15.85 -21.32
C SER A 250 -9.08 14.61 -21.69
N ARG A 251 -8.42 13.65 -22.32
CA ARG A 251 -9.06 12.41 -22.77
C ARG A 251 -8.96 11.30 -21.74
N ILE A 252 -8.41 11.56 -20.56
CA ILE A 252 -8.26 10.57 -19.51
C ILE A 252 -9.09 11.05 -18.33
N SER A 253 -10.31 10.54 -18.22
CA SER A 253 -11.24 10.94 -17.16
C SER A 253 -11.10 9.99 -15.97
N ARG A 254 -12.04 10.07 -15.04
CA ARG A 254 -12.09 9.25 -13.83
C ARG A 254 -12.30 7.76 -14.13
N THR A 255 -12.70 7.37 -15.34
CA THR A 255 -12.83 5.95 -15.71
C THR A 255 -11.91 5.72 -16.90
N TRP A 256 -10.63 5.47 -16.62
CA TRP A 256 -9.64 5.15 -17.62
C TRP A 256 -9.11 3.74 -17.48
N LEU A 257 -8.66 3.38 -16.28
CA LEU A 257 -8.12 2.04 -16.05
C LEU A 257 -9.22 0.99 -16.05
N TYR A 258 -10.46 1.43 -15.82
CA TYR A 258 -11.57 0.47 -15.79
C TYR A 258 -12.00 0.07 -17.20
N ASN A 259 -11.82 0.97 -18.17
CA ASN A 259 -12.13 0.71 -19.57
C ASN A 259 -10.85 0.94 -20.37
N LEU A 260 -10.10 -0.14 -20.60
CA LEU A 260 -8.78 -0.05 -21.19
C LEU A 260 -8.75 -0.48 -22.66
N ASP A 261 -9.30 -1.65 -22.98
CA ASP A 261 -9.23 -2.18 -24.33
C ASP A 261 -9.92 -1.28 -25.34
N LYS A 262 -11.09 -0.75 -24.99
CA LYS A 262 -11.86 0.07 -25.94
C LYS A 262 -11.34 1.50 -25.99
N ASN A 263 -10.53 1.90 -25.01
CA ASN A 263 -10.00 3.27 -24.96
C ASN A 263 -8.62 3.38 -25.60
N LEU A 264 -7.66 2.56 -25.17
CA LEU A 264 -6.32 2.65 -25.71
C LEU A 264 -6.28 2.20 -27.17
N ASP A 265 -5.36 2.77 -27.92
CA ASP A 265 -5.09 2.31 -29.27
C ASP A 265 -4.48 0.92 -29.23
N ASN A 266 -4.50 0.25 -30.39
CA ASN A 266 -3.99 -1.12 -30.44
C ASN A 266 -2.50 -1.19 -30.12
N GLU A 267 -1.77 -0.08 -30.31
CA GLU A 267 -0.33 -0.09 -30.13
C GLU A 267 0.05 -0.20 -28.66
N TYR A 268 -0.64 0.53 -27.78
CA TYR A 268 -0.31 0.47 -26.36
C TYR A 268 -0.71 -0.88 -25.75
N ILE A 269 -1.87 -1.40 -26.16
CA ILE A 269 -2.25 -2.75 -25.74
C ILE A 269 -1.25 -3.76 -26.27
N SER A 270 -0.72 -3.54 -27.47
CA SER A 270 0.31 -4.41 -28.00
C SER A 270 1.56 -4.37 -27.12
N THR A 271 1.93 -3.18 -26.64
CA THR A 271 3.08 -3.07 -25.75
C THR A 271 2.85 -3.81 -24.43
N LEU A 272 1.66 -3.65 -23.84
CA LEU A 272 1.36 -4.35 -22.60
C LEU A 272 1.36 -5.87 -22.80
N ASN A 273 0.79 -6.32 -23.92
CA ASN A 273 0.83 -7.74 -24.25
C ASN A 273 2.27 -8.20 -24.44
N TYR A 274 3.11 -7.36 -25.03
CA TYR A 274 4.52 -7.72 -25.20
C TYR A 274 5.20 -7.93 -23.86
N LEU A 275 4.95 -7.04 -22.90
CA LEU A 275 5.56 -7.18 -21.58
C LEU A 275 5.06 -8.43 -20.87
N TYR A 276 3.74 -8.66 -20.89
CA TYR A 276 3.18 -9.83 -20.21
C TYR A 276 3.69 -11.12 -20.84
N ASP A 277 3.72 -11.17 -22.19
CA ASP A 277 4.27 -12.31 -22.88
C ASP A 277 5.73 -12.50 -22.51
N ARG A 278 6.49 -11.42 -22.40
CA ARG A 278 7.90 -11.53 -22.06
C ARG A 278 8.06 -12.22 -20.72
N ILE A 279 7.38 -11.73 -19.69
CA ILE A 279 7.59 -12.31 -18.36
C ILE A 279 7.06 -13.75 -18.29
N THR A 280 5.87 -14.01 -18.82
CA THR A 280 5.29 -15.34 -18.70
C THR A 280 6.07 -16.35 -19.53
N ASN A 281 6.43 -15.99 -20.76
CA ASN A 281 7.22 -16.87 -21.60
C ASN A 281 8.61 -17.09 -21.02
N GLU A 282 9.19 -16.06 -20.38
CA GLU A 282 10.47 -16.26 -19.71
C GLU A 282 10.35 -17.28 -18.59
N LEU A 283 9.30 -17.17 -17.77
CA LEU A 283 9.09 -18.18 -16.72
C LEU A 283 8.99 -19.57 -17.31
N THR A 284 8.11 -19.75 -18.30
CA THR A 284 7.86 -21.08 -18.84
C THR A 284 9.10 -21.64 -19.51
N ASN A 285 9.75 -20.84 -20.37
CA ASN A 285 10.93 -21.31 -21.08
C ASN A 285 12.07 -21.62 -20.12
N SER A 286 12.28 -20.75 -19.11
CA SER A 286 13.28 -21.06 -18.09
C SER A 286 13.00 -22.40 -17.43
N PHE A 287 11.86 -22.50 -16.75
CA PHE A 287 11.54 -23.67 -15.95
C PHE A 287 11.20 -24.89 -16.80
N SER A 288 11.27 -24.79 -18.13
CA SER A 288 11.04 -25.93 -18.99
C SER A 288 12.30 -26.38 -19.73
N LYS A 289 13.09 -25.45 -20.28
CA LYS A 289 14.26 -25.83 -21.07
C LYS A 289 15.51 -25.03 -20.76
N ASN A 290 15.45 -24.00 -19.91
CA ASN A 290 16.66 -23.31 -19.48
C ASN A 290 17.17 -23.84 -18.15
N SER A 291 16.26 -24.13 -17.22
CA SER A 291 16.57 -25.03 -16.13
C SER A 291 16.31 -26.46 -16.61
N ALA A 292 16.89 -26.80 -17.77
CA ALA A 292 16.57 -28.05 -18.46
C ALA A 292 16.95 -29.27 -17.64
N ALA A 293 17.90 -29.12 -16.71
CA ALA A 293 18.24 -30.24 -15.83
C ALA A 293 17.04 -30.66 -14.99
N ASN A 294 16.30 -29.69 -14.46
CA ASN A 294 15.15 -29.99 -13.62
C ASN A 294 14.08 -30.75 -14.39
N VAL A 295 13.78 -30.29 -15.61
CA VAL A 295 12.78 -30.99 -16.42
C VAL A 295 13.27 -32.35 -16.87
N ASN A 296 14.57 -32.48 -17.17
CA ASN A 296 15.12 -33.77 -17.55
C ASN A 296 15.01 -34.77 -16.40
N TYR A 297 15.27 -34.32 -15.17
CA TYR A 297 15.02 -35.18 -14.01
C TYR A 297 13.53 -35.47 -13.84
N ILE A 298 12.66 -34.49 -14.11
CA ILE A 298 11.22 -34.70 -13.96
C ILE A 298 10.75 -35.82 -14.88
N ALA A 299 11.17 -35.78 -16.15
CA ALA A 299 10.77 -36.83 -17.08
C ALA A 299 11.33 -38.18 -16.66
N GLU A 300 12.60 -38.22 -16.25
CA GLU A 300 13.25 -39.45 -15.85
C GLU A 300 13.21 -39.58 -14.33
N THR A 301 12.01 -39.83 -13.81
CA THR A 301 11.81 -40.01 -12.38
C THR A 301 11.23 -41.38 -12.02
N LEU A 302 10.15 -41.78 -12.67
CA LEU A 302 9.49 -43.06 -12.38
C LEU A 302 8.77 -43.53 -13.65
N GLY A 303 7.91 -44.53 -13.50
CA GLY A 303 7.08 -44.99 -14.58
C GLY A 303 5.72 -44.33 -14.59
N ILE A 304 5.69 -43.01 -14.79
CA ILE A 304 4.46 -42.22 -14.77
C ILE A 304 4.48 -41.32 -16.00
N ASN A 305 3.30 -40.82 -16.36
CA ASN A 305 3.18 -39.97 -17.54
C ASN A 305 3.93 -38.66 -17.32
N PRO A 306 4.89 -38.31 -18.18
CA PRO A 306 5.71 -37.11 -17.94
C PRO A 306 4.92 -35.82 -17.88
N ALA A 307 3.87 -35.68 -18.70
CA ALA A 307 3.14 -34.42 -18.77
C ALA A 307 2.42 -34.13 -17.46
N GLU A 308 1.72 -35.13 -16.91
CA GLU A 308 1.01 -34.95 -15.65
C GLU A 308 1.97 -34.66 -14.50
N PHE A 309 3.09 -35.39 -14.44
CA PHE A 309 4.10 -35.14 -13.43
C PHE A 309 4.62 -33.72 -13.50
N ALA A 310 4.92 -33.24 -14.72
CA ALA A 310 5.35 -31.86 -14.87
C ALA A 310 4.26 -30.88 -14.47
N GLU A 311 3.00 -31.23 -14.73
CA GLU A 311 1.90 -30.35 -14.39
C GLU A 311 1.80 -30.14 -12.89
N GLN A 312 1.96 -31.20 -12.09
CA GLN A 312 2.03 -30.96 -10.65
C GLN A 312 3.34 -30.27 -10.25
N TYR A 313 4.46 -30.62 -10.89
CA TYR A 313 5.74 -30.08 -10.43
C TYR A 313 5.76 -28.56 -10.57
N PHE A 314 5.42 -28.04 -11.74
CA PHE A 314 5.43 -26.59 -11.94
C PHE A 314 4.37 -25.91 -11.07
N ARG A 315 3.17 -26.49 -11.00
CA ARG A 315 2.10 -25.88 -10.21
C ARG A 315 2.39 -25.88 -8.73
N PHE A 316 3.22 -26.80 -8.26
CA PHE A 316 3.55 -26.94 -6.84
C PHE A 316 4.79 -26.14 -6.47
N SER A 317 5.76 -26.01 -7.39
CA SER A 317 7.02 -25.40 -7.03
C SER A 317 6.92 -23.88 -7.00
N ILE A 318 6.48 -23.27 -8.11
CA ILE A 318 6.47 -21.82 -8.20
C ILE A 318 5.24 -21.23 -7.53
N MET A 319 4.08 -21.86 -7.68
CA MET A 319 2.85 -21.38 -7.08
C MET A 319 2.80 -21.80 -5.60
N LYS A 320 1.65 -21.64 -4.97
CA LYS A 320 1.45 -21.95 -3.55
C LYS A 320 0.40 -23.04 -3.43
N GLU A 321 0.83 -24.25 -3.08
CA GLU A 321 -0.09 -25.35 -2.83
C GLU A 321 0.27 -26.18 -1.61
N GLN A 322 1.32 -25.82 -0.87
CA GLN A 322 1.69 -26.59 0.33
C GLN A 322 0.55 -26.58 1.34
N LYS A 323 -0.26 -25.52 1.33
CA LYS A 323 -1.47 -25.35 2.15
C LYS A 323 -1.29 -25.80 3.60
N ASN A 324 -2.29 -26.48 4.14
CA ASN A 324 -2.39 -26.75 5.58
C ASN A 324 -2.04 -28.19 5.94
N LEU A 325 -1.04 -28.78 5.28
CA LEU A 325 -0.64 -30.13 5.66
C LEU A 325 -0.11 -30.19 7.10
N GLY A 326 0.42 -29.08 7.62
CA GLY A 326 0.61 -28.93 9.05
C GLY A 326 2.01 -29.15 9.59
N PHE A 327 3.03 -29.32 8.74
CA PHE A 327 4.37 -29.58 9.24
C PHE A 327 5.43 -29.19 8.22
N ASN A 328 6.64 -28.98 8.72
CA ASN A 328 7.78 -28.63 7.89
C ASN A 328 8.26 -29.84 7.09
N ILE A 329 8.08 -29.79 5.77
CA ILE A 329 8.65 -30.81 4.92
C ILE A 329 10.16 -30.68 4.88
N THR A 330 10.65 -29.43 4.88
CA THR A 330 12.08 -29.19 4.79
C THR A 330 12.85 -29.81 5.95
N LYS A 331 12.25 -29.88 7.14
CA LYS A 331 12.96 -30.50 8.25
C LYS A 331 12.94 -32.02 8.16
N LEU A 332 11.88 -32.61 7.59
CA LEU A 332 11.97 -34.02 7.20
C LEU A 332 13.15 -34.25 6.28
N ARG A 333 13.31 -33.41 5.25
CA ARG A 333 14.42 -33.61 4.33
C ARG A 333 15.76 -33.34 5.03
N GLU A 334 15.77 -32.48 6.05
CA GLU A 334 16.99 -32.28 6.82
C GLU A 334 17.39 -33.56 7.55
N VAL A 335 16.43 -34.17 8.26
CA VAL A 335 16.73 -35.42 8.95
C VAL A 335 17.15 -36.49 7.94
N MET A 336 16.54 -36.48 6.76
CA MET A 336 16.89 -37.44 5.71
C MET A 336 18.32 -37.24 5.22
N LEU A 337 18.74 -35.99 5.04
CA LEU A 337 20.11 -35.72 4.63
C LEU A 337 21.11 -36.03 5.75
N ASP A 338 20.68 -35.95 7.01
CA ASP A 338 21.60 -36.15 8.12
C ASP A 338 22.18 -37.56 8.16
N ARG A 339 21.56 -38.52 7.48
CA ARG A 339 22.03 -39.90 7.55
C ARG A 339 23.33 -40.09 6.78
N LYS A 340 23.97 -41.24 7.02
CA LYS A 340 25.31 -41.47 6.51
C LYS A 340 25.33 -41.74 5.01
N ASP A 341 24.24 -42.31 4.48
CA ASP A 341 24.23 -42.71 3.08
C ASP A 341 24.39 -41.51 2.15
N MET A 342 23.73 -40.40 2.44
CA MET A 342 23.79 -39.20 1.61
C MET A 342 24.65 -38.11 2.25
N SER A 343 25.73 -38.50 2.92
CA SER A 343 26.61 -37.51 3.52
C SER A 343 27.40 -36.73 2.48
N GLU A 344 27.57 -37.26 1.27
CA GLU A 344 28.34 -36.57 0.25
C GLU A 344 27.63 -35.34 -0.30
N ILE A 345 26.35 -35.15 0.00
CA ILE A 345 25.67 -33.92 -0.38
C ILE A 345 26.32 -32.73 0.33
N ARG A 346 26.61 -32.90 1.63
CA ARG A 346 27.29 -31.86 2.39
C ARG A 346 28.80 -31.96 2.29
N LYS A 347 29.34 -33.17 2.28
CA LYS A 347 30.79 -33.35 2.26
C LYS A 347 31.40 -32.85 0.96
N ASN A 348 30.75 -33.13 -0.16
CA ASN A 348 31.28 -32.74 -1.47
C ASN A 348 30.68 -31.41 -1.89
N HIS A 349 31.55 -30.47 -2.26
CA HIS A 349 31.12 -29.15 -2.70
C HIS A 349 31.48 -28.89 -4.16
N LYS A 350 32.10 -29.84 -4.84
CA LYS A 350 32.54 -29.61 -6.22
C LYS A 350 31.38 -29.64 -7.20
N VAL A 351 30.44 -30.59 -7.04
CA VAL A 351 29.42 -30.85 -8.04
C VAL A 351 28.01 -30.57 -7.51
N PHE A 352 27.74 -30.88 -6.24
CA PHE A 352 26.39 -30.71 -5.72
C PHE A 352 26.01 -29.25 -5.51
N ASP A 353 27.00 -28.35 -5.46
CA ASP A 353 26.72 -26.94 -5.15
C ASP A 353 25.83 -26.29 -6.19
N SER A 354 25.96 -26.69 -7.45
CA SER A 354 25.16 -26.10 -8.52
C SER A 354 23.79 -26.75 -8.67
N ILE A 355 23.50 -27.81 -7.92
CA ILE A 355 22.23 -28.53 -8.04
C ILE A 355 21.59 -28.68 -6.66
N ARG A 356 22.07 -27.90 -5.69
CA ARG A 356 21.47 -27.93 -4.35
C ARG A 356 19.97 -27.67 -4.42
N THR A 357 19.56 -26.60 -5.10
CA THR A 357 18.16 -26.25 -5.16
C THR A 357 17.34 -27.33 -5.86
N LYS A 358 17.86 -27.88 -6.95
CA LYS A 358 17.16 -28.94 -7.66
C LYS A 358 16.95 -30.15 -6.76
N VAL A 359 18.00 -30.58 -6.05
CA VAL A 359 17.90 -31.77 -5.20
C VAL A 359 16.90 -31.53 -4.07
N TYR A 360 17.00 -30.37 -3.41
CA TYR A 360 16.12 -30.09 -2.28
C TYR A 360 14.66 -30.01 -2.74
N THR A 361 14.42 -29.33 -3.86
CA THR A 361 13.06 -29.21 -4.38
C THR A 361 12.49 -30.57 -4.78
N MET A 362 13.32 -31.42 -5.39
CA MET A 362 12.83 -32.74 -5.78
C MET A 362 12.49 -33.61 -4.58
N MET A 363 13.32 -33.56 -3.54
CA MET A 363 13.01 -34.32 -2.33
C MET A 363 11.72 -33.81 -1.69
N ASP A 364 11.56 -32.48 -1.64
CA ASP A 364 10.34 -31.90 -1.11
C ASP A 364 9.13 -32.37 -1.92
N PHE A 365 9.26 -32.35 -3.25
CA PHE A 365 8.15 -32.74 -4.12
C PHE A 365 7.78 -34.21 -3.95
N VAL A 366 8.78 -35.10 -3.86
CA VAL A 366 8.46 -36.52 -3.75
C VAL A 366 7.80 -36.82 -2.41
N ILE A 367 8.27 -36.17 -1.33
CA ILE A 367 7.59 -36.35 -0.04
C ILE A 367 6.14 -35.87 -0.13
N TYR A 368 5.93 -34.69 -0.71
CA TYR A 368 4.59 -34.15 -0.82
C TYR A 368 3.69 -35.06 -1.66
N ARG A 369 4.23 -35.59 -2.77
CA ARG A 369 3.44 -36.45 -3.63
C ARG A 369 3.09 -37.77 -2.95
N TYR A 370 4.04 -38.36 -2.22
CA TYR A 370 3.72 -39.57 -1.47
C TYR A 370 2.59 -39.30 -0.48
N TYR A 371 2.67 -38.18 0.24
CA TYR A 371 1.63 -37.88 1.22
C TYR A 371 0.28 -37.65 0.54
N ILE A 372 0.28 -36.96 -0.61
CA ILE A 372 -0.97 -36.70 -1.31
C ILE A 372 -1.60 -38.00 -1.79
N GLU A 373 -0.79 -38.88 -2.38
CA GLU A 373 -1.33 -40.13 -2.90
C GLU A 373 -1.86 -41.01 -1.77
N GLU A 374 -1.15 -41.07 -0.64
CA GLU A 374 -1.66 -41.82 0.49
C GLU A 374 -2.96 -41.21 1.02
N ASP A 375 -3.03 -39.88 1.08
CA ASP A 375 -4.27 -39.24 1.51
C ASP A 375 -5.42 -39.58 0.59
N ALA A 376 -5.17 -39.57 -0.72
CA ALA A 376 -6.23 -39.88 -1.68
C ALA A 376 -6.72 -41.31 -1.52
N LYS A 377 -5.78 -42.26 -1.38
CA LYS A 377 -6.18 -43.66 -1.23
C LYS A 377 -6.96 -43.88 0.07
N VAL A 378 -6.48 -43.31 1.18
CA VAL A 378 -7.16 -43.46 2.46
C VAL A 378 -8.53 -42.78 2.40
N ALA A 379 -8.64 -41.65 1.70
CA ALA A 379 -9.91 -40.97 1.58
C ALA A 379 -10.91 -41.79 0.79
N ALA A 380 -10.46 -42.44 -0.29
CA ALA A 380 -11.34 -43.33 -1.03
C ALA A 380 -11.81 -44.49 -0.15
N ALA A 381 -10.89 -45.09 0.59
CA ALA A 381 -11.25 -46.19 1.47
C ALA A 381 -12.27 -45.74 2.52
N ASN A 382 -12.02 -44.59 3.15
CA ASN A 382 -12.93 -44.09 4.19
C ASN A 382 -14.28 -43.70 3.62
N LYS A 383 -14.31 -43.18 2.39
CA LYS A 383 -15.58 -42.91 1.74
C LYS A 383 -16.36 -44.20 1.51
N SER A 384 -15.67 -45.27 1.13
CA SER A 384 -16.33 -46.56 1.02
C SER A 384 -16.84 -47.04 2.37
N LEU A 385 -16.04 -46.88 3.41
CA LEU A 385 -16.39 -47.33 4.75
C LEU A 385 -17.37 -46.36 5.40
N PRO A 386 -18.01 -46.78 6.51
CA PRO A 386 -18.87 -45.85 7.25
C PRO A 386 -18.10 -44.64 7.75
N ASP A 387 -18.79 -43.50 7.80
CA ASP A 387 -18.16 -42.25 8.19
C ASP A 387 -17.77 -42.24 9.67
N ASN A 388 -18.55 -42.90 10.52
CA ASN A 388 -18.25 -42.89 11.96
C ASN A 388 -16.89 -43.50 12.25
N GLU A 389 -16.57 -44.62 11.61
CA GLU A 389 -15.27 -45.26 11.75
C GLU A 389 -14.37 -44.74 10.64
N LYS A 390 -13.49 -43.81 10.99
CA LYS A 390 -12.62 -43.13 10.03
C LYS A 390 -11.17 -43.51 10.28
N SER A 391 -10.44 -43.83 9.21
CA SER A 391 -9.01 -44.08 9.28
C SER A 391 -8.31 -42.73 9.09
N LEU A 392 -7.73 -42.21 10.16
CA LEU A 392 -7.16 -40.86 10.14
C LEU A 392 -5.97 -40.76 9.21
N SER A 393 -5.26 -41.86 8.95
CA SER A 393 -4.10 -41.91 8.08
C SER A 393 -2.88 -41.21 8.69
N GLU A 394 -1.73 -41.38 8.04
CA GLU A 394 -0.46 -41.01 8.66
C GLU A 394 -0.29 -39.50 8.77
N LYS A 395 -0.77 -38.72 7.81
CA LYS A 395 -0.62 -37.27 7.92
C LYS A 395 -1.41 -36.73 9.10
N ASP A 396 -2.62 -37.23 9.32
CA ASP A 396 -3.42 -36.75 10.44
C ASP A 396 -2.87 -37.24 11.78
N ILE A 397 -2.39 -38.49 11.83
CA ILE A 397 -1.81 -38.96 13.09
C ILE A 397 -0.53 -38.19 13.40
N PHE A 398 0.25 -37.83 12.37
CA PHE A 398 1.43 -37.00 12.57
C PHE A 398 1.06 -35.62 13.08
N VAL A 399 0.01 -35.03 12.52
CA VAL A 399 -0.45 -33.72 12.98
C VAL A 399 -0.90 -33.80 14.44
N ILE A 400 -1.63 -34.86 14.80
CA ILE A 400 -2.09 -35.02 16.18
C ILE A 400 -0.91 -35.17 17.12
N ASN A 401 0.10 -35.95 16.73
CA ASN A 401 1.28 -36.12 17.57
C ASN A 401 2.01 -34.81 17.76
N LEU A 402 2.14 -34.00 16.70
CA LEU A 402 2.77 -32.70 16.84
C LEU A 402 1.97 -31.79 17.76
N ARG A 403 0.64 -31.82 17.64
CA ARG A 403 -0.21 -30.99 18.49
C ARG A 403 -0.10 -31.37 19.95
N GLY A 404 -0.03 -32.67 20.24
CA GLY A 404 0.04 -33.11 21.63
C GLY A 404 1.32 -32.67 22.32
N SER A 405 2.43 -32.63 21.58
CA SER A 405 3.72 -32.28 22.16
C SER A 405 3.77 -30.80 22.52
N PHE A 406 4.56 -30.51 23.58
CA PHE A 406 4.74 -29.12 24.01
C PHE A 406 6.20 -28.83 24.39
N ASN A 407 7.15 -29.59 23.87
CA ASN A 407 8.57 -29.34 24.10
C ASN A 407 9.30 -29.37 22.78
N ASP A 408 10.32 -28.51 22.65
CA ASP A 408 11.04 -28.40 21.39
C ASP A 408 11.80 -29.68 21.06
N ASP A 409 12.55 -30.21 22.03
CA ASP A 409 13.30 -31.44 21.80
C ASP A 409 12.36 -32.63 21.67
N GLN A 410 11.27 -32.65 22.44
CA GLN A 410 10.31 -33.74 22.37
C GLN A 410 9.62 -33.76 21.01
N LYS A 411 9.45 -32.58 20.41
CA LYS A 411 8.93 -32.52 19.04
C LYS A 411 9.87 -33.23 18.07
N ASP A 412 11.17 -33.00 18.19
CA ASP A 412 12.13 -33.71 17.35
C ASP A 412 12.12 -35.20 17.63
N ALA A 413 11.88 -35.58 18.89
CA ALA A 413 11.78 -37.00 19.21
C ALA A 413 10.60 -37.64 18.49
N LEU A 414 9.45 -36.95 18.45
CA LEU A 414 8.33 -37.43 17.66
C LEU A 414 8.60 -37.37 16.17
N TYR A 415 9.47 -36.46 15.73
CA TYR A 415 9.58 -36.08 14.33
C TYR A 415 10.60 -36.93 13.58
N TYR A 416 11.58 -37.47 14.30
CA TYR A 416 12.65 -38.28 13.69
C TYR A 416 12.10 -39.55 13.05
N ASP A 417 11.17 -40.22 13.73
CA ASP A 417 10.69 -41.53 13.30
C ASP A 417 10.00 -41.46 11.94
N GLU A 418 9.25 -40.38 11.70
CA GLU A 418 8.56 -40.24 10.42
C GLU A 418 9.55 -40.18 9.26
N ALA A 419 10.61 -39.39 9.42
CA ALA A 419 11.63 -39.31 8.38
C ALA A 419 12.30 -40.67 8.19
N ASN A 420 12.59 -41.37 9.28
CA ASN A 420 13.22 -42.69 9.16
C ASN A 420 12.35 -43.66 8.38
N ARG A 421 11.04 -43.70 8.68
CA ARG A 421 10.17 -44.67 8.03
C ARG A 421 9.90 -44.29 6.58
N ILE A 422 9.75 -42.99 6.28
CA ILE A 422 9.57 -42.62 4.89
C ILE A 422 10.83 -42.92 4.08
N TRP A 423 12.02 -42.77 4.69
CA TRP A 423 13.23 -43.22 4.01
C TRP A 423 13.19 -44.71 3.76
N ARG A 424 12.70 -45.47 4.76
CA ARG A 424 12.51 -46.91 4.55
C ARG A 424 11.59 -47.19 3.38
N LYS A 425 10.66 -46.28 3.08
CA LYS A 425 9.75 -46.48 1.95
C LYS A 425 10.25 -45.89 0.64
N LEU A 426 11.00 -44.78 0.69
CA LEU A 426 11.39 -44.04 -0.52
C LEU A 426 12.86 -44.26 -0.90
N GLU A 427 13.34 -45.50 -0.79
CA GLU A 427 14.77 -45.75 -0.94
C GLU A 427 15.25 -45.51 -2.38
N ASN A 428 14.55 -46.08 -3.37
CA ASN A 428 15.10 -46.17 -4.71
C ASN A 428 15.23 -44.80 -5.38
N ILE A 429 14.19 -43.97 -5.27
CA ILE A 429 14.23 -42.67 -5.94
C ILE A 429 15.30 -41.78 -5.33
N MET A 430 15.44 -41.80 -4.00
CA MET A 430 16.48 -41.02 -3.36
C MET A 430 17.86 -41.53 -3.73
N HIS A 431 18.02 -42.84 -3.84
CA HIS A 431 19.31 -43.39 -4.30
C HIS A 431 19.64 -42.89 -5.69
N ASN A 432 18.66 -42.91 -6.59
CA ASN A 432 18.89 -42.44 -7.96
C ASN A 432 19.25 -40.96 -7.97
N ILE A 433 18.55 -40.15 -7.16
CA ILE A 433 18.83 -38.72 -7.11
C ILE A 433 20.23 -38.47 -6.57
N LYS A 434 20.63 -39.17 -5.50
CA LYS A 434 21.93 -38.93 -4.88
C LYS A 434 23.07 -39.43 -5.77
N GLU A 435 22.80 -40.47 -6.58
CA GLU A 435 23.88 -41.08 -7.35
C GLU A 435 24.44 -40.11 -8.39
N PHE A 436 23.58 -39.39 -9.09
CA PHE A 436 24.02 -38.51 -10.16
C PHE A 436 24.69 -37.26 -9.60
N PRO A 453 1.66 -28.91 -21.92
CA PRO A 453 0.84 -28.69 -20.73
C PRO A 453 1.06 -27.32 -20.11
N ARG A 454 1.10 -26.28 -20.94
CA ARG A 454 1.32 -24.94 -20.44
C ARG A 454 0.11 -24.50 -19.63
N ILE A 455 0.36 -23.81 -18.51
CA ILE A 455 -0.68 -23.52 -17.54
C ILE A 455 -1.03 -22.04 -17.46
N LEU A 456 -0.04 -21.14 -17.58
CA LEU A 456 -0.28 -19.72 -17.36
C LEU A 456 -1.23 -19.16 -18.43
N PRO A 457 -2.09 -18.20 -18.06
CA PRO A 457 -3.21 -17.82 -18.93
C PRO A 457 -2.82 -17.04 -20.17
N ALA A 458 -2.35 -17.73 -21.19
CA ALA A 458 -2.07 -17.14 -22.51
C ALA A 458 -1.24 -15.86 -22.39
N GLY A 459 -1.50 -14.91 -23.28
CA GLY A 459 -0.93 -13.58 -23.18
C GLY A 459 -1.92 -12.53 -23.63
N ARG A 460 -3.12 -12.98 -24.01
CA ARG A 460 -4.17 -12.10 -24.51
C ARG A 460 -5.48 -12.21 -23.74
N ASP A 461 -5.73 -13.32 -23.05
CA ASP A 461 -6.95 -13.45 -22.26
C ASP A 461 -6.89 -12.61 -21.00
N VAL A 462 -5.69 -12.36 -20.48
CA VAL A 462 -5.55 -11.54 -19.28
C VAL A 462 -5.99 -10.10 -19.59
N SER A 463 -6.70 -9.50 -18.66
CA SER A 463 -7.15 -8.13 -18.84
C SER A 463 -5.96 -7.17 -18.77
N ALA A 464 -6.12 -6.01 -19.41
CA ALA A 464 -5.07 -5.00 -19.40
C ALA A 464 -4.83 -4.43 -18.01
N PHE A 465 -5.81 -4.52 -17.12
CA PHE A 465 -5.63 -4.06 -15.75
C PHE A 465 -4.50 -4.81 -15.07
N SER A 466 -4.47 -6.13 -15.21
CA SER A 466 -3.43 -6.93 -14.57
C SER A 466 -2.06 -6.62 -15.16
N LYS A 467 -1.97 -6.48 -16.48
CA LYS A 467 -0.69 -6.17 -17.10
C LYS A 467 -0.18 -4.81 -16.67
N LEU A 468 -1.08 -3.82 -16.57
CA LEU A 468 -0.63 -2.49 -16.16
C LEU A 468 -0.24 -2.48 -14.69
N MET A 469 -0.92 -3.26 -13.83
CA MET A 469 -0.47 -3.38 -12.45
C MET A 469 0.92 -4.00 -12.38
N TYR A 470 1.17 -5.02 -13.21
CA TYR A 470 2.51 -5.59 -13.25
C TYR A 470 3.54 -4.56 -13.68
N ALA A 471 3.22 -3.79 -14.71
CA ALA A 471 4.15 -2.75 -15.18
C ALA A 471 4.40 -1.71 -14.10
N LEU A 472 3.38 -1.38 -13.32
CA LEU A 472 3.56 -0.45 -12.20
C LEU A 472 4.48 -1.05 -11.15
N THR A 473 4.26 -2.31 -10.78
CA THR A 473 5.11 -2.95 -9.78
C THR A 473 6.55 -3.05 -10.25
N MET A 474 6.76 -3.07 -11.57
CA MET A 474 8.10 -3.26 -12.10
C MET A 474 9.03 -2.07 -11.81
N PHE A 475 8.48 -0.92 -11.39
CA PHE A 475 9.30 0.20 -10.98
C PHE A 475 9.56 0.26 -9.47
N LEU A 476 8.91 -0.59 -8.68
CA LEU A 476 8.88 -0.43 -7.23
C LEU A 476 9.91 -1.32 -6.56
N ASP A 477 9.84 -1.38 -5.23
CA ASP A 477 10.74 -2.17 -4.39
C ASP A 477 10.11 -3.53 -4.08
N GLY A 478 10.87 -4.38 -3.38
CA GLY A 478 10.41 -5.72 -3.10
C GLY A 478 9.20 -5.78 -2.19
N LYS A 479 9.21 -4.99 -1.11
CA LYS A 479 8.12 -5.05 -0.14
C LYS A 479 6.86 -4.37 -0.66
N GLU A 480 7.03 -3.27 -1.39
CA GLU A 480 5.88 -2.52 -1.89
C GLU A 480 5.06 -3.35 -2.87
N ILE A 481 5.73 -4.14 -3.72
CA ILE A 481 5.02 -5.02 -4.65
C ILE A 481 4.11 -5.95 -3.88
N ASN A 482 4.65 -6.62 -2.87
CA ASN A 482 3.88 -7.59 -2.11
C ASN A 482 2.71 -6.93 -1.39
N ASP A 483 2.95 -5.76 -0.77
CA ASP A 483 1.87 -5.08 -0.08
C ASP A 483 0.75 -4.72 -1.04
N LEU A 484 1.11 -4.14 -2.19
CA LEU A 484 0.10 -3.71 -3.16
C LEU A 484 -0.72 -4.88 -3.65
N LEU A 485 -0.05 -5.95 -4.09
CA LEU A 485 -0.80 -7.07 -4.66
C LEU A 485 -1.62 -7.80 -3.61
N THR A 486 -1.11 -7.93 -2.39
CA THR A 486 -1.88 -8.57 -1.33
C THR A 486 -3.16 -7.79 -1.04
N THR A 487 -3.04 -6.47 -0.91
CA THR A 487 -4.23 -5.69 -0.58
C THR A 487 -5.23 -5.70 -1.74
N LEU A 488 -4.73 -5.63 -2.98
CA LEU A 488 -5.65 -5.69 -4.12
C LEU A 488 -6.37 -7.02 -4.18
N ILE A 489 -5.65 -8.12 -3.90
CA ILE A 489 -6.27 -9.44 -3.92
C ILE A 489 -7.34 -9.55 -2.84
N ASN A 490 -7.04 -9.05 -1.64
CA ASN A 490 -8.05 -9.08 -0.59
C ASN A 490 -9.29 -8.28 -0.96
N LYS A 491 -9.10 -7.10 -1.56
CA LYS A 491 -10.24 -6.27 -1.93
C LYS A 491 -11.08 -6.92 -3.02
N PHE A 492 -10.44 -7.53 -4.02
CA PHE A 492 -11.22 -8.25 -5.04
C PHE A 492 -11.92 -9.48 -4.49
N ASP A 493 -11.29 -10.18 -3.53
CA ASP A 493 -12.00 -11.29 -2.90
C ASP A 493 -13.24 -10.80 -2.17
N ASN A 494 -13.13 -9.68 -1.47
CA ASN A 494 -14.30 -9.07 -0.83
C ASN A 494 -15.37 -8.76 -1.86
N ILE A 495 -14.96 -8.16 -2.98
CA ILE A 495 -15.93 -7.75 -4.01
C ILE A 495 -16.66 -8.95 -4.58
N GLN A 496 -15.91 -10.01 -4.91
CA GLN A 496 -16.53 -11.18 -5.52
C GLN A 496 -17.43 -11.92 -4.53
N SER A 497 -17.03 -11.98 -3.25
CA SER A 497 -17.91 -12.59 -2.26
C SER A 497 -19.20 -11.81 -2.12
N PHE A 498 -19.12 -10.48 -2.09
CA PHE A 498 -20.33 -9.68 -2.01
C PHE A 498 -21.21 -9.87 -3.24
N LEU A 499 -20.60 -9.91 -4.42
CA LEU A 499 -21.38 -10.14 -5.64
C LEU A 499 -22.07 -11.50 -5.61
N LYS A 500 -21.40 -12.51 -5.05
CA LYS A 500 -22.03 -13.81 -4.91
C LYS A 500 -23.19 -13.77 -3.92
N VAL A 501 -23.06 -12.98 -2.85
CA VAL A 501 -24.13 -12.87 -1.87
C VAL A 501 -25.34 -12.13 -2.44
N MET A 502 -25.10 -11.15 -3.32
CA MET A 502 -26.18 -10.27 -3.78
C MET A 502 -27.43 -10.98 -4.30
N PRO A 503 -27.35 -11.99 -5.17
CA PRO A 503 -28.60 -12.59 -5.65
C PRO A 503 -29.39 -13.31 -4.57
N LEU A 504 -28.72 -14.03 -3.67
CA LEU A 504 -29.42 -14.83 -2.67
C LEU A 504 -30.23 -13.98 -1.70
N ILE A 505 -29.86 -12.70 -1.52
CA ILE A 505 -30.57 -11.85 -0.57
C ILE A 505 -31.66 -11.03 -1.23
N GLY A 506 -31.90 -11.20 -2.53
CA GLY A 506 -32.98 -10.53 -3.20
C GLY A 506 -32.64 -9.19 -3.82
N VAL A 507 -31.35 -8.89 -3.99
CA VAL A 507 -30.91 -7.66 -4.66
C VAL A 507 -30.43 -8.03 -6.04
N ASN A 508 -30.99 -7.37 -7.06
CA ASN A 508 -30.70 -7.70 -8.45
C ASN A 508 -30.08 -6.53 -9.20
N ALA A 509 -29.34 -5.68 -8.49
CA ALA A 509 -28.65 -4.57 -9.13
C ALA A 509 -27.55 -5.09 -10.06
N LYS A 510 -27.37 -4.40 -11.17
CA LYS A 510 -26.40 -4.78 -12.19
C LYS A 510 -25.32 -3.71 -12.32
N PHE A 511 -24.41 -3.94 -13.26
CA PHE A 511 -23.27 -3.07 -13.50
C PHE A 511 -23.51 -2.23 -14.76
N VAL A 512 -23.32 -0.92 -14.64
CA VAL A 512 -23.42 -0.06 -15.82
C VAL A 512 -22.22 -0.31 -16.74
N GLU A 513 -22.39 0.05 -18.01
CA GLU A 513 -21.37 -0.25 -19.02
C GLU A 513 -20.03 0.38 -18.69
N GLU A 514 -20.04 1.61 -18.17
CA GLU A 514 -18.78 2.28 -17.85
C GLU A 514 -18.04 1.54 -16.74
N TYR A 515 -18.72 1.26 -15.63
CA TYR A 515 -18.14 0.49 -14.53
C TYR A 515 -18.46 -0.99 -14.64
N ALA A 516 -18.19 -1.58 -15.79
CA ALA A 516 -18.50 -2.98 -16.02
C ALA A 516 -17.33 -3.90 -15.71
N PHE A 517 -16.19 -3.35 -15.32
CA PHE A 517 -15.00 -4.17 -15.08
C PHE A 517 -15.17 -5.07 -13.86
N PHE A 518 -16.03 -4.69 -12.93
CA PHE A 518 -16.09 -5.34 -11.62
C PHE A 518 -16.95 -6.59 -11.62
N LYS A 519 -17.57 -6.95 -12.75
CA LYS A 519 -18.32 -8.19 -12.82
C LYS A 519 -17.40 -9.39 -12.65
N ASP A 520 -16.30 -9.41 -13.39
CA ASP A 520 -15.35 -10.52 -13.33
C ASP A 520 -14.20 -10.19 -12.36
N SER A 521 -14.59 -9.91 -11.11
CA SER A 521 -13.60 -9.60 -10.09
C SER A 521 -12.77 -10.83 -9.73
N ALA A 522 -13.39 -12.02 -9.73
CA ALA A 522 -12.66 -13.23 -9.40
C ALA A 522 -11.57 -13.53 -10.42
N LYS A 523 -11.85 -13.30 -11.71
CA LYS A 523 -10.85 -13.55 -12.73
C LYS A 523 -9.64 -12.63 -12.54
N ILE A 524 -9.88 -11.35 -12.24
CA ILE A 524 -8.78 -10.44 -11.99
C ILE A 524 -8.03 -10.84 -10.73
N ALA A 525 -8.75 -11.36 -9.73
CA ALA A 525 -8.08 -11.84 -8.52
C ALA A 525 -7.14 -12.98 -8.84
N ASP A 526 -7.58 -13.92 -9.69
CA ASP A 526 -6.71 -15.02 -10.10
C ASP A 526 -5.49 -14.50 -10.85
N GLU A 527 -5.70 -13.54 -11.77
CA GLU A 527 -4.57 -12.98 -12.51
C GLU A 527 -3.58 -12.29 -11.57
N LEU A 528 -4.09 -11.57 -10.57
CA LEU A 528 -3.19 -10.92 -9.62
C LEU A 528 -2.45 -11.94 -8.76
N ARG A 529 -3.10 -13.06 -8.43
CA ARG A 529 -2.39 -14.12 -7.72
C ARG A 529 -1.24 -14.67 -8.54
N LEU A 530 -1.47 -14.90 -9.84
CA LEU A 530 -0.39 -15.35 -10.70
C LEU A 530 0.72 -14.31 -10.80
N ILE A 531 0.35 -13.03 -10.92
CA ILE A 531 1.36 -11.97 -10.94
C ILE A 531 2.19 -12.02 -9.67
N LYS A 532 1.54 -12.14 -8.50
CA LYS A 532 2.27 -12.37 -7.26
C LYS A 532 3.24 -13.55 -7.40
N SER A 533 2.79 -14.60 -8.05
CA SER A 533 3.67 -15.74 -8.29
C SER A 533 4.88 -15.36 -9.13
N PHE A 534 4.80 -14.26 -9.90
CA PHE A 534 5.98 -13.81 -10.63
C PHE A 534 6.20 -12.30 -10.61
N ALA A 535 5.78 -11.59 -9.56
CA ALA A 535 6.03 -10.15 -9.45
C ALA A 535 7.16 -9.93 -8.45
N ARG A 536 8.37 -9.70 -8.96
CA ARG A 536 9.53 -9.42 -8.14
C ARG A 536 10.31 -8.26 -8.75
N MET A 537 11.33 -7.82 -8.03
CA MET A 537 12.13 -6.69 -8.48
C MET A 537 12.89 -7.02 -9.76
N GLY A 538 13.14 -5.99 -10.57
CA GLY A 538 13.86 -6.15 -11.81
C GLY A 538 15.36 -6.01 -11.67
N GLU A 539 15.80 -5.14 -10.77
CA GLU A 539 17.21 -4.87 -10.45
C GLU A 539 17.90 -4.14 -11.59
N PRO A 540 18.83 -3.24 -11.29
CA PRO A 540 19.50 -2.46 -12.35
C PRO A 540 20.25 -3.31 -13.37
N ILE A 541 20.49 -2.70 -14.52
CA ILE A 541 21.18 -3.34 -15.64
C ILE A 541 22.66 -3.44 -15.30
N ALA A 542 23.40 -4.25 -16.07
CA ALA A 542 24.85 -4.30 -15.97
C ALA A 542 25.53 -3.50 -17.07
N ASP A 543 24.77 -2.75 -17.86
CA ASP A 543 25.31 -1.95 -18.96
C ASP A 543 25.38 -0.46 -18.64
N ALA A 544 24.72 0.00 -17.58
CA ALA A 544 24.73 1.40 -17.19
C ALA A 544 25.66 1.68 -16.03
N ARG A 545 26.81 1.01 -15.99
CA ARG A 545 27.74 1.17 -14.88
C ARG A 545 28.39 2.54 -14.89
N ARG A 546 28.58 3.15 -16.06
CA ARG A 546 29.35 4.37 -16.17
C ARG A 546 28.70 5.51 -15.38
N ALA A 547 27.39 5.66 -15.49
CA ALA A 547 26.69 6.66 -14.70
C ALA A 547 26.53 6.25 -13.25
N MET A 548 26.48 4.94 -12.97
CA MET A 548 26.32 4.50 -11.59
C MET A 548 27.58 4.76 -10.77
N TYR A 549 28.77 4.69 -11.39
CA TYR A 549 29.98 5.13 -10.69
C TYR A 549 29.90 6.59 -10.31
N ILE A 550 29.41 7.43 -11.23
CA ILE A 550 29.32 8.87 -10.96
C ILE A 550 28.37 9.12 -9.80
N ASP A 551 27.20 8.48 -9.83
CA ASP A 551 26.22 8.71 -8.77
C ASP A 551 26.73 8.15 -7.45
N ALA A 552 27.43 7.02 -7.47
CA ALA A 552 27.98 6.44 -6.25
C ALA A 552 29.01 7.36 -5.62
N ILE A 553 29.92 7.91 -6.43
CA ILE A 553 30.93 8.81 -5.87
C ILE A 553 30.28 10.11 -5.42
N ARG A 554 29.22 10.56 -6.10
CA ARG A 554 28.54 11.77 -5.68
C ARG A 554 27.87 11.59 -4.32
N ILE A 555 27.25 10.43 -4.10
CA ILE A 555 26.50 10.23 -2.86
C ILE A 555 27.44 10.28 -1.66
N LEU A 556 28.61 9.67 -1.75
CA LEU A 556 29.56 9.66 -0.64
C LEU A 556 30.46 10.89 -0.65
N GLY A 557 29.86 12.07 -0.76
CA GLY A 557 30.56 13.32 -0.54
C GLY A 557 31.74 13.65 -1.43
N THR A 558 31.58 13.51 -2.75
CA THR A 558 32.61 13.98 -3.65
C THR A 558 32.59 15.51 -3.71
N ASN A 559 33.74 16.10 -4.05
CA ASN A 559 33.84 17.55 -4.15
C ASN A 559 34.71 17.95 -5.35
N LEU A 560 34.91 17.04 -6.29
CA LEU A 560 35.78 17.35 -7.42
C LEU A 560 35.07 18.26 -8.41
N SER A 561 35.85 19.04 -9.13
CA SER A 561 35.30 19.94 -10.15
C SER A 561 34.66 19.14 -11.27
N TYR A 562 33.52 19.62 -11.77
CA TYR A 562 32.71 18.81 -12.68
C TYR A 562 33.44 18.50 -13.98
N ASP A 563 34.33 19.37 -14.44
CA ASP A 563 35.14 19.03 -15.59
C ASP A 563 36.09 17.88 -15.24
N GLU A 564 36.82 18.02 -14.15
CA GLU A 564 37.67 16.92 -13.68
C GLU A 564 36.85 15.74 -13.22
N LEU A 565 35.61 15.98 -12.75
CA LEU A 565 34.79 14.88 -12.29
C LEU A 565 34.28 14.04 -13.46
N LYS A 566 33.90 14.70 -14.55
CA LYS A 566 33.59 13.97 -15.78
C LYS A 566 34.83 13.32 -16.37
N ALA A 567 36.00 13.93 -16.19
CA ALA A 567 37.24 13.29 -16.63
C ALA A 567 37.46 11.98 -15.89
N LEU A 568 37.34 12.01 -14.55
CA LEU A 568 37.40 10.78 -13.77
C LEU A 568 36.27 9.82 -14.08
N ALA A 569 35.14 10.33 -14.56
CA ALA A 569 34.04 9.45 -14.97
C ALA A 569 34.39 8.67 -16.23
N ASP A 570 34.82 9.38 -17.27
CA ASP A 570 35.22 8.73 -18.51
C ASP A 570 36.41 7.82 -18.31
N THR A 571 37.37 8.21 -17.48
CA THR A 571 38.53 7.39 -17.18
C THR A 571 38.22 6.31 -16.15
N PHE A 572 37.05 6.36 -15.51
CA PHE A 572 36.77 5.47 -14.39
C PHE A 572 36.77 4.01 -14.82
N SER A 573 36.17 3.72 -15.96
CA SER A 573 36.12 2.34 -16.48
C SER A 573 36.69 2.29 -17.89
N GLY A 587 43.80 3.24 -7.53
CA GLY A 587 43.75 3.45 -6.10
C GLY A 587 42.47 2.93 -5.47
N MET A 588 41.76 3.80 -4.76
CA MET A 588 40.48 3.44 -4.16
C MET A 588 39.39 3.30 -5.22
N ARG A 589 39.69 3.67 -6.47
CA ARG A 589 38.80 3.39 -7.60
C ARG A 589 38.28 1.96 -7.56
N ASN A 590 39.21 1.00 -7.57
CA ASN A 590 38.82 -0.41 -7.59
C ASN A 590 37.93 -0.75 -6.41
N PHE A 591 38.16 -0.14 -5.25
CA PHE A 591 37.23 -0.30 -4.14
C PHE A 591 35.84 0.18 -4.53
N ILE A 592 35.75 1.39 -5.08
CA ILE A 592 34.45 1.91 -5.50
C ILE A 592 33.74 0.90 -6.39
N ILE A 593 34.38 0.49 -7.49
CA ILE A 593 33.74 -0.45 -8.41
C ILE A 593 33.30 -1.69 -7.64
N ASN A 594 34.26 -2.45 -7.12
CA ASN A 594 33.98 -3.82 -6.70
C ASN A 594 33.06 -3.87 -5.49
N ASN A 595 33.28 -3.00 -4.51
CA ASN A 595 32.51 -3.05 -3.28
C ASN A 595 31.40 -2.02 -3.21
N VAL A 596 31.12 -1.29 -4.30
CA VAL A 596 30.11 -0.24 -4.24
C VAL A 596 29.05 -0.45 -5.31
N ILE A 597 29.47 -0.75 -6.54
CA ILE A 597 28.51 -0.74 -7.65
C ILE A 597 27.39 -1.76 -7.41
N SER A 598 27.69 -2.86 -6.75
CA SER A 598 26.76 -3.96 -6.60
C SER A 598 26.17 -4.06 -5.19
N ASN A 599 26.33 -3.03 -4.37
CA ASN A 599 25.80 -3.10 -3.00
C ASN A 599 24.30 -3.31 -3.03
N LYS A 600 23.83 -4.24 -2.19
CA LYS A 600 22.41 -4.57 -2.19
C LYS A 600 21.56 -3.38 -1.76
N ARG A 601 22.02 -2.63 -0.75
CA ARG A 601 21.27 -1.48 -0.31
C ARG A 601 21.52 -0.26 -1.20
N PHE A 602 22.46 -0.37 -2.13
CA PHE A 602 22.67 0.68 -3.12
C PHE A 602 21.54 0.75 -4.13
N HIS A 603 20.93 -0.40 -4.45
CA HIS A 603 19.85 -0.48 -5.41
C HIS A 603 18.49 -0.15 -4.80
N TYR A 604 18.48 0.24 -3.52
CA TYR A 604 17.26 0.67 -2.87
C TYR A 604 17.13 2.19 -2.76
N LEU A 605 18.25 2.91 -2.78
CA LEU A 605 18.26 4.36 -2.71
C LEU A 605 18.52 5.02 -4.06
N ILE A 606 19.28 4.38 -4.92
CA ILE A 606 19.55 4.93 -6.26
C ILE A 606 18.25 5.07 -7.04
N ARG A 607 17.28 4.19 -6.80
CA ARG A 607 15.97 4.31 -7.43
C ARG A 607 15.25 5.58 -7.02
N TYR A 608 15.70 6.24 -5.95
CA TYR A 608 15.25 7.57 -5.56
C TYR A 608 16.34 8.59 -5.83
N GLY A 609 17.05 8.42 -6.95
CA GLY A 609 18.31 9.10 -7.21
C GLY A 609 18.31 10.61 -7.21
N ASP A 610 19.06 11.19 -6.26
CA ASP A 610 19.31 12.63 -6.21
C ASP A 610 20.82 12.81 -6.10
N PRO A 611 21.53 12.77 -7.23
CA PRO A 611 23.00 12.86 -7.20
C PRO A 611 23.53 14.10 -6.48
N ALA A 612 23.14 15.29 -6.96
CA ALA A 612 23.71 16.52 -6.42
C ALA A 612 23.37 16.69 -4.95
N HIS A 613 22.11 16.48 -4.58
CA HIS A 613 21.66 16.55 -3.20
C HIS A 613 21.83 15.18 -2.56
N LEU A 614 21.17 14.95 -1.42
CA LEU A 614 21.05 13.68 -0.71
C LEU A 614 22.27 13.38 0.14
N HIS A 615 23.31 14.20 0.09
CA HIS A 615 24.44 14.06 0.98
C HIS A 615 24.34 14.97 2.20
N GLU A 616 23.35 15.85 2.23
CA GLU A 616 23.12 16.74 3.36
C GLU A 616 21.92 16.32 4.20
N ILE A 617 21.32 15.18 3.90
CA ILE A 617 20.19 14.67 4.69
C ILE A 617 20.65 13.74 5.80
N ALA A 618 21.83 13.14 5.68
CA ALA A 618 22.48 12.39 6.75
C ALA A 618 23.81 13.02 7.09
N LYS A 619 23.82 14.35 7.18
CA LYS A 619 25.04 15.13 7.41
C LYS A 619 25.09 15.77 8.79
N ASN A 620 23.94 16.02 9.42
CA ASN A 620 23.90 16.61 10.76
C ASN A 620 23.68 15.50 11.79
N GLU A 621 24.47 15.56 12.87
CA GLU A 621 24.45 14.52 13.88
C GLU A 621 23.36 14.75 14.92
N ALA A 622 22.14 15.00 14.45
CA ALA A 622 20.98 15.08 15.33
C ALA A 622 19.76 14.38 14.76
N VAL A 623 19.85 13.82 13.56
CA VAL A 623 18.77 13.03 12.99
C VAL A 623 19.17 11.57 12.79
N VAL A 624 20.47 11.26 12.74
CA VAL A 624 20.94 9.89 12.71
C VAL A 624 20.67 9.17 14.02
N LYS A 625 20.73 9.87 15.15
CA LYS A 625 20.37 9.28 16.44
C LYS A 625 18.95 8.71 16.41
N PHE A 626 18.01 9.47 15.86
CA PHE A 626 16.60 9.08 15.95
C PHE A 626 16.33 7.81 15.16
N VAL A 627 16.78 7.75 13.90
CA VAL A 627 16.47 6.58 13.08
C VAL A 627 17.19 5.33 13.61
N LEU A 628 18.49 5.47 13.92
CA LEU A 628 19.23 4.36 14.49
C LEU A 628 18.66 3.96 15.84
N GLY A 629 18.35 4.95 16.69
CA GLY A 629 17.80 4.64 17.99
C GLY A 629 16.49 3.89 17.89
N ARG A 630 15.59 4.36 17.03
CA ARG A 630 14.30 3.69 16.88
C ARG A 630 14.47 2.27 16.37
N ILE A 631 15.21 2.09 15.26
CA ILE A 631 15.33 0.75 14.69
C ILE A 631 15.97 -0.20 15.70
N ALA A 632 17.09 0.21 16.31
CA ALA A 632 17.82 -0.66 17.20
C ALA A 632 17.01 -0.98 18.46
N ASP A 633 16.34 0.03 19.02
CA ASP A 633 15.67 -0.16 20.30
C ASP A 633 14.36 -0.92 20.12
N ILE A 634 13.48 -0.43 19.25
CA ILE A 634 12.17 -1.04 19.13
C ILE A 634 12.20 -2.19 18.13
N GLN A 635 12.68 -1.95 16.92
CA GLN A 635 12.47 -2.92 15.84
C GLN A 635 13.29 -4.18 16.08
N LYS A 636 14.58 -4.02 16.37
CA LYS A 636 15.43 -5.13 16.79
C LYS A 636 15.65 -5.11 18.29
N LYS A 637 14.56 -5.29 19.03
CA LYS A 637 14.57 -5.35 20.48
C LYS A 637 14.95 -6.74 20.98
N GLN A 638 15.12 -7.70 20.08
CA GLN A 638 15.53 -9.04 20.44
C GLN A 638 16.93 -9.31 19.94
N GLY A 639 17.81 -8.32 20.11
CA GLY A 639 19.23 -8.47 19.88
C GLY A 639 20.02 -8.84 21.12
N GLN A 640 19.35 -9.09 22.25
CA GLN A 640 20.03 -9.52 23.45
C GLN A 640 20.64 -10.91 23.32
N ASN A 641 20.20 -11.69 22.33
CA ASN A 641 20.60 -13.08 22.19
C ASN A 641 21.66 -13.27 21.10
N GLY A 642 22.27 -12.20 20.62
CA GLY A 642 23.28 -12.32 19.58
C GLY A 642 23.66 -10.97 19.03
N LYS A 643 24.25 -10.99 17.83
CA LYS A 643 24.71 -9.78 17.18
C LYS A 643 23.54 -9.04 16.55
N ASN A 644 23.33 -7.79 16.99
CA ASN A 644 22.27 -6.95 16.47
C ASN A 644 22.77 -6.23 15.21
N GLN A 645 21.99 -5.29 14.69
CA GLN A 645 22.43 -4.50 13.55
C GLN A 645 23.44 -3.46 13.98
N ILE A 646 23.08 -2.60 14.93
CA ILE A 646 24.02 -1.61 15.44
C ILE A 646 25.14 -2.28 16.20
N ASP A 647 24.88 -3.43 16.82
CA ASP A 647 25.90 -4.11 17.60
C ASP A 647 27.07 -4.55 16.73
N ARG A 648 26.78 -5.02 15.53
CA ARG A 648 27.85 -5.46 14.63
C ARG A 648 28.78 -4.32 14.27
N TYR A 649 28.21 -3.19 13.84
CA TYR A 649 29.05 -2.06 13.43
C TYR A 649 29.74 -1.43 14.64
N TYR A 650 29.08 -1.40 15.79
CA TYR A 650 29.73 -0.93 17.00
C TYR A 650 30.93 -1.79 17.36
N GLU A 651 30.77 -3.11 17.28
CA GLU A 651 31.86 -4.02 17.58
C GLU A 651 33.01 -3.85 16.59
N THR A 652 32.70 -3.67 15.31
CA THR A 652 33.77 -3.58 14.32
C THR A 652 34.38 -2.18 14.25
N CYS A 653 33.77 -1.17 14.85
CA CYS A 653 34.29 0.19 14.80
C CYS A 653 34.95 0.63 16.10
N ILE A 654 34.53 0.09 17.25
CA ILE A 654 35.13 0.52 18.52
C ILE A 654 36.45 -0.16 18.79
N GLY A 655 36.72 -1.30 18.16
CA GLY A 655 37.96 -2.02 18.42
C GLY A 655 37.75 -3.46 18.87
N LYS A 656 36.60 -4.04 18.48
CA LYS A 656 36.30 -5.45 18.71
C LYS A 656 36.19 -5.81 20.18
N ASP A 657 35.82 -4.84 21.02
CA ASP A 657 35.68 -5.06 22.46
C ASP A 657 34.57 -4.18 22.99
N LYS A 658 34.40 -4.18 24.32
CA LYS A 658 33.60 -3.22 25.07
C LYS A 658 32.10 -3.45 24.92
N GLY A 659 31.38 -3.40 26.04
CA GLY A 659 29.95 -3.65 26.07
C GLY A 659 29.13 -2.68 26.91
N LYS A 660 29.45 -1.38 26.86
CA LYS A 660 28.88 -0.43 27.82
C LYS A 660 27.36 -0.41 27.87
N SER A 661 26.72 0.06 26.80
CA SER A 661 25.28 0.28 26.84
C SER A 661 24.76 0.58 25.45
N VAL A 662 23.44 0.51 25.30
CA VAL A 662 22.81 0.76 24.01
C VAL A 662 22.90 2.24 23.64
N SER A 663 22.64 3.12 24.60
CA SER A 663 22.68 4.55 24.33
C SER A 663 24.08 5.00 23.91
N GLU A 664 25.12 4.47 24.57
CA GLU A 664 26.48 4.79 24.19
C GLU A 664 26.80 4.27 22.79
N LYS A 665 26.13 3.20 22.36
CA LYS A 665 26.30 2.70 21.00
C LYS A 665 25.58 3.56 19.98
N VAL A 666 24.43 4.14 20.36
CA VAL A 666 23.69 4.99 19.43
C VAL A 666 24.43 6.29 19.18
N ASP A 667 25.01 6.88 20.23
CA ASP A 667 25.69 8.16 20.14
C ASP A 667 27.15 8.05 19.71
N ALA A 668 27.63 6.84 19.45
CA ALA A 668 28.98 6.65 18.94
C ALA A 668 29.03 6.37 17.44
N LEU A 669 28.01 5.71 16.89
CA LEU A 669 27.95 5.46 15.46
C LEU A 669 27.55 6.70 14.67
N THR A 670 26.87 7.65 15.30
CA THR A 670 26.46 8.86 14.58
C THR A 670 27.66 9.68 14.15
N LYS A 671 28.69 9.77 14.99
CA LYS A 671 29.90 10.48 14.62
C LYS A 671 30.62 9.80 13.46
N ILE A 672 30.25 8.56 13.14
CA ILE A 672 30.86 7.88 12.01
C ILE A 672 29.96 7.95 10.78
N ILE A 673 28.65 8.10 10.97
CA ILE A 673 27.73 8.36 9.86
C ILE A 673 27.94 9.79 9.35
N THR A 674 28.33 10.68 10.23
CA THR A 674 28.47 12.10 9.92
C THR A 674 29.85 12.37 9.35
N GLY A 675 29.91 13.24 8.35
CA GLY A 675 31.16 13.56 7.69
C GLY A 675 31.73 12.43 6.86
N MET A 676 30.88 11.73 6.11
CA MET A 676 31.32 10.65 5.22
C MET A 676 31.87 11.22 3.92
N ASN A 677 32.87 12.11 4.08
CA ASN A 677 33.43 12.79 2.93
C ASN A 677 34.33 11.86 2.12
N TYR A 678 34.27 12.00 0.80
CA TYR A 678 35.22 11.37 -0.10
C TYR A 678 36.55 12.13 -0.15
N ASP A 679 36.56 13.39 0.27
CA ASP A 679 37.75 14.23 0.18
C ASP A 679 38.93 13.72 1.00
N GLN A 680 38.66 12.98 2.09
CA GLN A 680 39.77 12.44 2.87
C GLN A 680 40.61 11.46 2.06
N PHE A 681 39.96 10.62 1.26
CA PHE A 681 40.67 9.66 0.42
C PHE A 681 41.23 10.32 -0.82
N GLU A 694 47.07 6.15 11.16
CA GLU A 694 45.80 6.90 11.15
C GLU A 694 44.90 6.45 10.01
N ASN A 695 45.46 5.64 9.10
CA ASN A 695 44.66 5.10 8.00
C ASN A 695 43.59 4.15 8.50
N ALA A 696 43.89 3.42 9.58
CA ALA A 696 42.91 2.50 10.14
C ALA A 696 41.69 3.22 10.64
N GLU A 697 41.86 4.39 11.26
CA GLU A 697 40.72 5.18 11.70
C GLU A 697 39.90 5.67 10.51
N ARG A 698 40.57 6.06 9.43
CA ARG A 698 39.86 6.50 8.24
C ARG A 698 39.14 5.34 7.56
N GLU A 699 39.61 4.11 7.78
CA GLU A 699 38.99 2.94 7.17
C GLU A 699 37.60 2.65 7.73
N LYS A 700 37.25 3.26 8.88
CA LYS A 700 35.92 3.05 9.43
C LYS A 700 34.84 3.58 8.50
N PHE A 701 35.10 4.67 7.81
CA PHE A 701 34.12 5.22 6.88
C PHE A 701 33.81 4.24 5.76
N LYS A 702 34.83 3.55 5.24
CA LYS A 702 34.59 2.43 4.34
C LYS A 702 33.81 1.33 5.05
N LYS A 703 34.16 1.07 6.32
CA LYS A 703 33.57 0.00 7.10
C LYS A 703 32.08 0.18 7.36
N ILE A 704 31.55 1.40 7.25
CA ILE A 704 30.18 1.63 7.66
C ILE A 704 29.35 2.19 6.49
N ILE A 705 29.68 1.77 5.27
CA ILE A 705 28.93 2.24 4.10
C ILE A 705 27.49 1.72 4.14
N SER A 706 27.31 0.45 4.48
CA SER A 706 26.02 -0.22 4.34
C SER A 706 24.96 0.31 5.29
N LEU A 707 25.32 1.11 6.29
CA LEU A 707 24.33 1.71 7.18
C LEU A 707 23.92 3.11 6.78
N TYR A 708 24.87 3.90 6.25
CA TYR A 708 24.61 5.19 5.65
C TYR A 708 23.38 5.17 4.74
N LEU A 709 23.44 4.30 3.73
CA LEU A 709 22.38 4.18 2.75
C LEU A 709 21.07 3.74 3.40
N THR A 710 21.15 2.88 4.41
CA THR A 710 19.96 2.45 5.13
C THR A 710 19.27 3.63 5.80
N VAL A 711 20.06 4.52 6.40
CA VAL A 711 19.51 5.71 7.05
C VAL A 711 18.80 6.59 6.03
N ILE A 712 19.48 6.88 4.92
CA ILE A 712 18.88 7.74 3.91
C ILE A 712 17.60 7.11 3.37
N TYR A 713 17.61 5.78 3.22
CA TYR A 713 16.44 5.06 2.72
C TYR A 713 15.25 5.23 3.65
N HIS A 714 15.45 4.99 4.95
CA HIS A 714 14.35 5.24 5.90
C HIS A 714 13.84 6.66 5.81
N ILE A 715 14.74 7.64 5.80
CA ILE A 715 14.28 9.03 5.83
C ILE A 715 13.43 9.32 4.60
N LEU A 716 13.95 8.99 3.41
CA LEU A 716 13.24 9.31 2.18
C LEU A 716 11.91 8.58 2.08
N LYS A 717 11.88 7.29 2.43
CA LYS A 717 10.62 6.55 2.35
C LYS A 717 9.59 7.10 3.31
N ASN A 718 10.01 7.48 4.53
CA ASN A 718 9.05 8.05 5.46
C ASN A 718 8.47 9.36 4.92
N ILE A 719 9.33 10.21 4.35
CA ILE A 719 8.85 11.48 3.81
C ILE A 719 7.84 11.24 2.68
N VAL A 720 8.18 10.34 1.75
CA VAL A 720 7.27 10.15 0.62
C VAL A 720 5.97 9.47 1.06
N ASN A 721 6.01 8.60 2.07
CA ASN A 721 4.78 7.99 2.57
C ASN A 721 3.86 9.04 3.18
N ILE A 722 4.42 9.96 3.97
CA ILE A 722 3.60 11.02 4.53
C ILE A 722 3.01 11.89 3.43
N ASN A 723 3.84 12.24 2.43
CA ASN A 723 3.34 13.04 1.32
C ASN A 723 2.25 12.31 0.56
N ALA A 724 2.36 10.99 0.43
CA ALA A 724 1.33 10.22 -0.27
C ALA A 724 0.02 10.22 0.51
N ARG A 725 0.08 10.15 1.84
CA ARG A 725 -1.16 10.28 2.61
C ARG A 725 -1.80 11.64 2.41
N TYR A 726 -1.00 12.71 2.35
CA TYR A 726 -1.58 14.03 2.11
C TYR A 726 -2.18 14.13 0.70
N VAL A 727 -1.52 13.52 -0.29
CA VAL A 727 -2.09 13.47 -1.64
C VAL A 727 -3.40 12.71 -1.64
N ILE A 728 -3.49 11.63 -0.86
CA ILE A 728 -4.74 10.89 -0.73
C ILE A 728 -5.82 11.80 -0.19
N GLY A 729 -5.50 12.59 0.83
CA GLY A 729 -6.47 13.51 1.39
C GLY A 729 -6.99 14.51 0.37
N PHE A 730 -6.09 15.07 -0.43
CA PHE A 730 -6.53 16.06 -1.42
C PHE A 730 -7.31 15.43 -2.57
N HIS A 731 -6.93 14.22 -2.98
CA HIS A 731 -7.72 13.50 -3.96
C HIS A 731 -9.14 13.25 -3.44
N CYS A 732 -9.24 12.88 -2.16
CA CYS A 732 -10.55 12.67 -1.56
C CYS A 732 -11.37 13.95 -1.54
N VAL A 733 -10.74 15.08 -1.20
CA VAL A 733 -11.52 16.32 -1.14
C VAL A 733 -11.99 16.72 -2.52
N GLU A 734 -11.17 16.48 -3.56
CA GLU A 734 -11.62 16.77 -4.93
C GLU A 734 -12.81 15.90 -5.33
N ARG A 735 -12.70 14.58 -5.12
CA ARG A 735 -13.78 13.70 -5.54
C ARG A 735 -15.06 13.99 -4.76
N ASP A 736 -14.93 14.36 -3.48
CA ASP A 736 -16.11 14.69 -2.69
C ASP A 736 -16.72 16.01 -3.13
N ALA A 737 -15.90 16.97 -3.56
CA ALA A 737 -16.45 18.19 -4.13
C ALA A 737 -17.28 17.88 -5.37
N GLN A 738 -16.74 17.05 -6.26
CA GLN A 738 -17.49 16.69 -7.46
C GLN A 738 -18.79 15.96 -7.10
N LEU A 739 -18.73 15.03 -6.14
CA LEU A 739 -19.93 14.29 -5.76
C LEU A 739 -20.99 15.19 -5.14
N TYR A 740 -20.56 16.13 -4.29
CA TYR A 740 -21.51 17.06 -3.69
C TYR A 740 -22.13 17.97 -4.75
N LYS A 741 -21.36 18.33 -5.77
CA LYS A 741 -21.96 19.07 -6.89
C LYS A 741 -22.99 18.23 -7.62
N GLU A 742 -22.67 16.95 -7.87
CA GLU A 742 -23.59 16.09 -8.61
C GLU A 742 -24.87 15.81 -7.83
N LYS A 743 -24.78 15.74 -6.51
CA LYS A 743 -25.96 15.48 -5.69
C LYS A 743 -26.98 16.61 -5.79
N GLY A 744 -26.52 17.84 -5.99
CA GLY A 744 -27.43 18.96 -6.15
C GLY A 744 -27.23 20.09 -5.18
N TYR A 745 -26.02 20.24 -4.65
CA TYR A 745 -25.74 21.28 -3.67
C TYR A 745 -25.16 22.51 -4.36
N ASP A 746 -25.01 23.60 -3.60
CA ASP A 746 -24.49 24.85 -4.11
C ASP A 746 -22.99 24.90 -3.91
N ILE A 747 -22.24 24.84 -5.02
CA ILE A 747 -20.79 24.80 -4.98
C ILE A 747 -20.26 25.35 -6.29
N ASN A 748 -19.08 25.96 -6.25
CA ASN A 748 -18.37 26.41 -7.44
C ASN A 748 -17.10 25.58 -7.56
N LEU A 749 -17.03 24.75 -8.60
CA LEU A 749 -15.91 23.84 -8.76
C LEU A 749 -14.76 24.45 -9.55
N LYS A 750 -15.05 25.38 -10.47
CA LYS A 750 -13.98 25.99 -11.26
C LYS A 750 -13.02 26.80 -10.38
N LYS A 751 -13.56 27.55 -9.42
CA LYS A 751 -12.76 28.38 -8.55
C LYS A 751 -12.25 27.64 -7.33
N LEU A 752 -12.21 26.30 -7.37
CA LEU A 752 -11.73 25.54 -6.23
C LEU A 752 -10.24 25.76 -6.00
N GLU A 753 -9.46 25.90 -7.08
CA GLU A 753 -8.03 26.14 -6.94
C GLU A 753 -7.75 27.52 -6.33
N GLU A 754 -8.50 28.54 -6.77
CA GLU A 754 -8.25 29.90 -6.29
C GLU A 754 -8.56 30.02 -4.81
N LYS A 755 -9.74 29.56 -4.39
CA LYS A 755 -10.06 29.50 -2.98
C LYS A 755 -9.16 28.46 -2.31
N GLY A 756 -8.92 28.63 -1.02
CA GLY A 756 -7.95 27.79 -0.35
C GLY A 756 -8.42 26.37 -0.10
N PHE A 757 -8.99 25.75 -1.14
CA PHE A 757 -9.42 24.35 -1.10
C PHE A 757 -10.36 24.08 0.07
N SER A 758 -11.09 25.10 0.51
CA SER A 758 -11.99 24.98 1.66
C SER A 758 -13.45 25.01 1.26
N SER A 759 -13.76 24.75 -0.01
CA SER A 759 -15.15 24.81 -0.46
C SER A 759 -16.00 23.72 0.17
N VAL A 760 -15.48 22.50 0.23
CA VAL A 760 -16.27 21.38 0.75
C VAL A 760 -16.51 21.55 2.24
N THR A 761 -15.47 21.95 3.00
CA THR A 761 -15.64 22.17 4.42
C THR A 761 -16.60 23.32 4.69
N LYS A 762 -16.50 24.39 3.90
CA LYS A 762 -17.42 25.52 4.06
C LYS A 762 -18.86 25.09 3.79
N LEU A 763 -19.06 24.27 2.75
CA LEU A 763 -20.42 23.82 2.45
C LEU A 763 -20.96 22.89 3.53
N CYS A 764 -20.14 21.95 4.00
CA CYS A 764 -20.60 20.98 4.98
C CYS A 764 -20.70 21.54 6.39
N ALA A 765 -20.07 22.67 6.67
CA ALA A 765 -20.19 23.28 7.99
C ALA A 765 -21.57 23.84 8.25
N GLY A 766 -22.34 24.12 7.20
CA GLY A 766 -23.71 24.56 7.38
C GLY A 766 -23.95 25.99 6.91
N ILE A 767 -24.61 26.79 7.76
CA ILE A 767 -24.92 28.16 7.39
C ILE A 767 -23.63 28.97 7.25
N ASP A 768 -23.71 30.04 6.47
CA ASP A 768 -22.55 30.85 6.13
C ASP A 768 -22.47 32.07 7.04
N GLU A 769 -21.29 32.32 7.59
CA GLU A 769 -21.05 33.46 8.45
C GLU A 769 -19.91 34.35 7.97
N THR A 770 -19.21 33.98 6.90
CA THR A 770 -18.09 34.77 6.41
C THR A 770 -18.52 36.02 5.66
N ALA A 771 -19.67 35.99 5.00
CA ALA A 771 -20.13 37.15 4.24
C ALA A 771 -20.61 38.24 5.18
N PRO A 772 -20.03 39.45 5.12
CA PRO A 772 -20.45 40.54 6.01
C PRO A 772 -21.67 41.32 5.53
N ASP A 773 -22.41 40.81 4.55
CA ASP A 773 -23.56 41.52 4.00
C ASP A 773 -24.83 41.37 4.82
N LYS A 774 -25.08 40.19 5.39
CA LYS A 774 -26.30 39.93 6.14
C LYS A 774 -26.04 39.26 7.48
N ARG A 775 -25.00 39.72 8.21
CA ARG A 775 -24.70 39.13 9.50
C ARG A 775 -25.84 39.34 10.49
N LYS A 776 -26.50 40.48 10.43
CA LYS A 776 -27.60 40.76 11.35
C LYS A 776 -28.74 39.77 11.17
N ASP A 777 -29.08 39.46 9.91
CA ASP A 777 -30.15 38.50 9.65
C ASP A 777 -29.79 37.11 10.18
N VAL A 778 -28.54 36.68 9.97
CA VAL A 778 -28.10 35.37 10.47
C VAL A 778 -28.17 35.34 11.98
N GLU A 779 -27.69 36.39 12.64
CA GLU A 779 -27.72 36.44 14.10
C GLU A 779 -29.15 36.42 14.62
N LYS A 780 -30.05 37.17 13.98
CA LYS A 780 -31.44 37.18 14.41
C LYS A 780 -32.08 35.81 14.25
N GLU A 781 -31.81 35.13 13.12
CA GLU A 781 -32.38 33.81 12.89
C GLU A 781 -31.87 32.81 13.93
N MET A 782 -30.56 32.83 14.20
CA MET A 782 -30.01 31.92 15.20
C MET A 782 -30.57 32.22 16.58
N ALA A 783 -30.69 33.50 16.94
CA ALA A 783 -31.21 33.85 18.25
C ALA A 783 -32.65 33.39 18.41
N GLU A 784 -33.48 33.62 17.39
CA GLU A 784 -34.89 33.24 17.51
C GLU A 784 -35.04 31.72 17.53
N ARG A 785 -34.25 31.00 16.74
CA ARG A 785 -34.34 29.54 16.77
C ARG A 785 -33.86 28.97 18.09
N ALA A 786 -32.78 29.52 18.65
CA ALA A 786 -32.32 29.07 19.96
C ALA A 786 -33.34 29.38 21.04
N LYS A 787 -33.97 30.56 20.97
CA LYS A 787 -34.99 30.90 21.95
C LYS A 787 -36.19 29.96 21.84
N GLU A 788 -36.61 29.63 20.62
CA GLU A 788 -37.71 28.69 20.46
C GLU A 788 -37.36 27.32 21.00
N SER A 789 -36.13 26.85 20.73
CA SER A 789 -35.71 25.55 21.24
C SER A 789 -35.68 25.53 22.76
N ILE A 790 -35.17 26.61 23.37
CA ILE A 790 -35.13 26.68 24.83
C ILE A 790 -36.55 26.71 25.41
N ASP A 791 -37.44 27.50 24.81
CA ASP A 791 -38.80 27.60 25.33
C ASP A 791 -39.52 26.27 25.22
N SER A 792 -39.37 25.56 24.10
CA SER A 792 -40.00 24.26 23.92
C SER A 792 -39.00 23.15 24.25
N LEU A 793 -38.62 23.10 25.52
CA LEU A 793 -37.66 22.13 26.02
C LEU A 793 -38.28 21.03 26.86
N GLU A 794 -39.36 21.33 27.59
CA GLU A 794 -39.99 20.31 28.42
C GLU A 794 -40.55 19.17 27.57
N SER A 795 -41.15 19.50 26.42
CA SER A 795 -41.69 18.47 25.55
C SER A 795 -40.58 17.67 24.88
N ALA A 796 -39.41 18.27 24.69
CA ALA A 796 -38.31 17.56 24.03
C ALA A 796 -37.73 16.48 24.92
N ASN A 797 -37.29 16.86 26.13
CA ASN A 797 -36.73 15.92 27.09
C ASN A 797 -37.13 16.38 28.48
N PRO A 798 -38.17 15.76 29.07
CA PRO A 798 -38.67 16.25 30.37
C PRO A 798 -37.65 16.15 31.49
N LYS A 799 -36.76 15.15 31.45
CA LYS A 799 -35.80 14.98 32.53
C LYS A 799 -34.88 16.18 32.66
N LEU A 800 -34.40 16.70 31.53
CA LEU A 800 -33.51 17.86 31.58
C LEU A 800 -34.25 19.12 32.01
N TYR A 801 -35.50 19.28 31.54
CA TYR A 801 -36.28 20.44 31.93
C TYR A 801 -36.58 20.44 33.42
N ALA A 802 -36.75 19.25 34.01
CA ALA A 802 -36.97 19.18 35.44
C ALA A 802 -35.81 19.77 36.22
N ASN A 803 -34.58 19.57 35.76
CA ASN A 803 -33.41 20.13 36.41
C ASN A 803 -33.07 21.54 35.92
N TYR A 804 -33.70 21.99 34.83
CA TYR A 804 -33.38 23.30 34.27
C TYR A 804 -33.86 24.44 35.18
N ILE A 805 -34.98 24.24 35.86
CA ILE A 805 -35.54 25.30 36.70
C ILE A 805 -34.60 25.65 37.84
N LYS A 806 -33.99 24.64 38.45
CA LYS A 806 -33.12 24.86 39.61
C LYS A 806 -31.83 25.58 39.26
N TYR A 807 -31.51 25.73 37.98
CA TYR A 807 -30.31 26.46 37.59
C TYR A 807 -30.41 27.93 37.97
N SER A 808 -29.25 28.54 38.16
CA SER A 808 -29.19 29.97 38.47
C SER A 808 -29.50 30.80 37.23
N ASP A 809 -29.60 32.11 37.42
CA ASP A 809 -29.99 33.00 36.33
C ASP A 809 -28.90 33.09 35.26
N GLU A 810 -27.64 33.15 35.68
CA GLU A 810 -26.55 33.33 34.71
C GLU A 810 -26.23 32.04 33.97
N LYS A 811 -26.44 30.89 34.62
CA LYS A 811 -26.29 29.62 33.93
C LYS A 811 -27.21 29.55 32.73
N LYS A 812 -28.35 30.24 32.78
CA LYS A 812 -29.20 30.36 31.59
C LYS A 812 -28.48 31.11 30.49
N ALA A 813 -27.68 32.12 30.83
CA ALA A 813 -26.93 32.85 29.82
C ALA A 813 -25.90 31.93 29.14
N GLU A 814 -25.17 31.15 29.94
CA GLU A 814 -24.28 30.16 29.30
C GLU A 814 -25.07 29.16 28.47
N GLU A 815 -26.24 28.73 28.95
CA GLU A 815 -27.02 27.75 28.18
C GLU A 815 -27.45 28.32 26.83
N PHE A 816 -27.85 29.59 26.80
CA PHE A 816 -28.21 30.21 25.53
C PHE A 816 -26.99 30.35 24.61
N THR A 817 -25.85 30.72 25.20
CA THR A 817 -24.63 30.83 24.40
C THR A 817 -24.27 29.50 23.75
N ARG A 818 -24.45 28.39 24.48
CA ARG A 818 -24.21 27.08 23.90
C ARG A 818 -25.31 26.65 22.94
N GLN A 819 -26.55 27.10 23.17
CA GLN A 819 -27.66 26.72 22.30
C GLN A 819 -27.52 27.37 20.93
N ILE A 820 -26.89 28.54 20.86
CA ILE A 820 -26.60 29.13 19.55
C ILE A 820 -25.73 28.19 18.73
N ASN A 821 -24.66 27.66 19.35
CA ASN A 821 -23.81 26.69 18.67
C ASN A 821 -24.57 25.42 18.35
N ARG A 822 -25.48 25.02 19.25
CA ARG A 822 -26.28 23.83 18.99
C ARG A 822 -27.14 23.99 17.75
N GLU A 823 -27.75 25.16 17.58
CA GLU A 823 -28.56 25.40 16.39
C GLU A 823 -27.71 25.45 15.14
N LYS A 824 -26.56 26.12 15.20
CA LYS A 824 -25.65 26.14 14.06
C LYS A 824 -25.19 24.74 13.69
N ALA A 825 -25.08 23.85 14.68
CA ALA A 825 -24.78 22.45 14.39
C ALA A 825 -25.99 21.75 13.76
N LYS A 826 -27.20 22.06 14.23
CA LYS A 826 -28.39 21.47 13.64
C LYS A 826 -28.56 21.88 12.18
N THR A 827 -28.00 23.01 11.78
CA THR A 827 -28.11 23.50 10.41
C THR A 827 -27.00 22.98 9.50
N ALA A 828 -26.44 21.80 9.78
CA ALA A 828 -25.33 21.28 9.00
C ALA A 828 -25.80 20.27 7.96
N LEU A 829 -24.85 19.70 7.22
CA LEU A 829 -25.14 18.78 6.13
C LEU A 829 -24.45 17.43 6.25
N ASN A 830 -23.78 17.14 7.36
CA ASN A 830 -22.97 15.93 7.49
C ASN A 830 -23.16 15.31 8.86
N ALA A 831 -22.88 14.01 8.95
CA ALA A 831 -22.97 13.32 10.24
C ALA A 831 -21.79 13.65 11.13
N TYR A 832 -20.58 13.75 10.56
CA TYR A 832 -19.40 14.07 11.36
C TYR A 832 -19.52 15.47 11.94
N LEU A 833 -19.81 16.46 11.08
CA LEU A 833 -19.98 17.84 11.54
C LEU A 833 -21.43 18.09 11.94
N ARG A 834 -21.94 17.21 12.79
CA ARG A 834 -23.26 17.38 13.38
C ARG A 834 -23.22 17.54 14.89
N ASN A 835 -22.31 16.87 15.58
CA ASN A 835 -22.11 17.14 17.00
C ASN A 835 -21.47 18.50 17.17
N THR A 836 -21.82 19.17 18.28
CA THR A 836 -21.51 20.60 18.40
C THR A 836 -20.01 20.85 18.54
N LYS A 837 -19.28 19.95 19.20
CA LYS A 837 -17.89 20.24 19.53
C LYS A 837 -17.00 20.34 18.29
N TRP A 838 -17.07 19.34 17.40
CA TRP A 838 -16.23 19.41 16.21
C TRP A 838 -16.71 20.52 15.29
N ASN A 839 -18.02 20.79 15.26
CA ASN A 839 -18.52 21.88 14.44
C ASN A 839 -17.98 23.22 14.90
N VAL A 840 -17.96 23.47 16.21
CA VAL A 840 -17.47 24.77 16.69
C VAL A 840 -15.96 24.86 16.47
N ILE A 841 -15.23 23.75 16.65
CA ILE A 841 -13.80 23.79 16.40
C ILE A 841 -13.52 24.13 14.93
N ILE A 842 -14.22 23.46 14.00
CA ILE A 842 -14.00 23.72 12.58
C ILE A 842 -14.45 25.11 12.21
N ARG A 843 -15.53 25.60 12.82
CA ARG A 843 -16.02 26.94 12.54
C ARG A 843 -15.02 27.99 12.99
N GLU A 844 -14.40 27.79 14.15
CA GLU A 844 -13.35 28.70 14.59
C GLU A 844 -12.14 28.64 13.66
N ASP A 845 -11.80 27.44 13.17
CA ASP A 845 -10.68 27.31 12.26
C ASP A 845 -10.94 28.04 10.94
N LEU A 846 -12.17 27.96 10.43
CA LEU A 846 -12.47 28.51 9.11
C LEU A 846 -12.26 30.01 9.03
N LEU A 847 -12.42 30.72 10.16
CA LEU A 847 -12.39 32.17 10.12
C LEU A 847 -10.98 32.73 9.96
N ARG A 848 -9.96 31.90 10.17
CA ARG A 848 -8.58 32.38 10.22
C ARG A 848 -7.69 31.77 9.14
N ILE A 849 -8.24 31.46 7.98
CA ILE A 849 -7.47 30.78 6.95
C ILE A 849 -7.00 31.78 5.90
N ASP A 850 -5.80 31.55 5.39
CA ASP A 850 -5.25 32.28 4.25
C ASP A 850 -5.21 31.35 3.05
N ASN A 851 -5.76 31.80 1.93
CA ASN A 851 -5.99 30.90 0.80
C ASN A 851 -4.72 30.58 0.04
N LYS A 852 -3.80 31.55 -0.08
CA LYS A 852 -2.56 31.31 -0.82
C LYS A 852 -1.71 30.24 -0.15
N THR A 853 -1.66 30.25 1.17
CA THR A 853 -0.91 29.22 1.89
C THR A 853 -1.49 27.83 1.62
N CYS A 854 -2.82 27.72 1.62
CA CYS A 854 -3.46 26.43 1.33
C CYS A 854 -3.17 25.98 -0.09
N THR A 855 -3.23 26.91 -1.05
CA THR A 855 -2.94 26.56 -2.44
C THR A 855 -1.51 26.08 -2.60
N LEU A 856 -0.55 26.76 -1.97
CA LEU A 856 0.83 26.33 -2.03
C LEU A 856 1.02 24.97 -1.38
N PHE A 857 0.36 24.75 -0.24
CA PHE A 857 0.38 23.44 0.41
C PHE A 857 -0.07 22.34 -0.54
N ALA A 858 -1.21 22.55 -1.20
CA ALA A 858 -1.73 21.54 -2.11
C ALA A 858 -0.81 21.32 -3.30
N ASN A 859 -0.30 22.41 -3.89
CA ASN A 859 0.56 22.28 -5.07
C ASN A 859 1.86 21.56 -4.74
N LYS A 860 2.47 21.87 -3.59
CA LYS A 860 3.71 21.20 -3.21
C LYS A 860 3.47 19.79 -2.70
N ALA A 861 2.26 19.47 -2.24
CA ALA A 861 1.95 18.09 -1.90
C ALA A 861 1.81 17.24 -3.16
N VAL A 862 1.11 17.77 -4.17
CA VAL A 862 0.89 17.01 -5.40
C VAL A 862 2.19 16.88 -6.19
N ALA A 863 2.98 17.96 -6.24
CA ALA A 863 4.16 17.98 -7.09
C ALA A 863 5.38 17.29 -6.49
N LEU A 864 5.28 16.78 -5.26
CA LEU A 864 6.36 16.04 -4.61
C LEU A 864 7.63 16.88 -4.53
N GLU A 865 7.48 18.13 -4.09
CA GLU A 865 8.64 19.00 -3.96
C GLU A 865 9.49 18.63 -2.75
N VAL A 866 8.88 18.10 -1.70
CA VAL A 866 9.61 17.87 -0.45
C VAL A 866 10.68 16.81 -0.63
N ALA A 867 10.33 15.71 -1.30
CA ALA A 867 11.31 14.66 -1.54
C ALA A 867 12.40 15.08 -2.53
N ARG A 868 12.23 16.22 -3.19
CA ARG A 868 13.19 16.71 -4.17
C ARG A 868 13.93 17.96 -3.70
N TYR A 869 13.57 18.50 -2.53
CA TYR A 869 14.16 19.76 -2.07
C TYR A 869 14.48 19.69 -0.58
N VAL A 870 14.57 18.48 -0.01
CA VAL A 870 14.79 18.33 1.43
C VAL A 870 16.15 18.84 1.83
N HIS A 871 17.14 18.77 0.93
CA HIS A 871 18.51 19.13 1.29
C HIS A 871 18.61 20.58 1.73
N ALA A 872 17.68 21.44 1.28
CA ALA A 872 17.80 22.86 1.55
C ALA A 872 17.62 23.17 3.03
N TYR A 873 16.58 22.61 3.65
CA TYR A 873 16.23 22.96 5.02
C TYR A 873 16.07 21.69 5.84
N ILE A 874 17.19 21.18 6.37
CA ILE A 874 17.18 20.08 7.33
C ILE A 874 18.21 20.28 8.43
N ASN A 875 19.17 21.18 8.26
CA ASN A 875 20.22 21.41 9.25
C ASN A 875 19.81 22.43 10.29
N ASP A 876 18.60 22.98 10.20
CA ASP A 876 18.14 24.01 11.12
C ASP A 876 17.03 23.48 12.00
N ILE A 877 17.12 22.21 12.40
CA ILE A 877 16.17 21.60 13.31
C ILE A 877 16.96 21.07 14.51
N ALA A 878 16.68 21.63 15.69
CA ALA A 878 17.49 21.30 16.86
C ALA A 878 17.21 19.89 17.36
N GLU A 879 15.94 19.52 17.44
CA GLU A 879 15.53 18.22 17.97
C GLU A 879 14.53 17.58 17.03
N VAL A 880 14.66 16.26 16.85
CA VAL A 880 13.70 15.48 16.08
C VAL A 880 13.22 14.35 16.97
N ASN A 881 11.91 14.18 17.08
CA ASN A 881 11.32 13.11 17.89
C ASN A 881 10.29 12.29 17.15
N SER A 882 9.87 12.72 15.96
CA SER A 882 9.00 11.93 15.10
C SER A 882 9.18 12.40 13.67
N TYR A 883 8.93 11.48 12.73
CA TYR A 883 9.01 11.84 11.32
C TYR A 883 7.98 12.92 10.96
N PHE A 884 6.87 12.94 11.68
CA PHE A 884 5.88 14.00 11.54
C PHE A 884 6.52 15.37 11.69
N GLN A 885 7.35 15.53 12.73
CA GLN A 885 7.95 16.83 13.01
C GLN A 885 8.88 17.27 11.89
N LEU A 886 9.71 16.34 11.40
CA LEU A 886 10.65 16.69 10.33
C LEU A 886 9.92 17.05 9.05
N TYR A 887 8.94 16.23 8.67
CA TYR A 887 8.19 16.52 7.45
C TYR A 887 7.53 17.88 7.54
N HIS A 888 6.92 18.19 8.68
CA HIS A 888 6.17 19.43 8.75
C HIS A 888 7.08 20.64 8.88
N TYR A 889 8.25 20.51 9.53
CA TYR A 889 9.21 21.61 9.52
C TYR A 889 9.64 21.91 8.09
N ILE A 890 9.91 20.87 7.30
CA ILE A 890 10.23 21.11 5.90
C ILE A 890 9.08 21.82 5.20
N MET A 891 7.84 21.45 5.54
CA MET A 891 6.68 22.10 4.94
C MET A 891 6.63 23.60 5.25
N GLN A 892 6.75 23.96 6.53
CA GLN A 892 6.71 25.39 6.83
C GLN A 892 7.91 26.13 6.26
N ARG A 893 9.05 25.47 6.07
CA ARG A 893 10.16 26.20 5.45
C ARG A 893 9.91 26.45 3.97
N ILE A 894 9.29 25.48 3.28
CA ILE A 894 8.98 25.72 1.87
C ILE A 894 7.91 26.80 1.74
N ILE A 895 6.96 26.85 2.68
CA ILE A 895 5.99 27.95 2.67
C ILE A 895 6.67 29.27 3.05
N MET A 896 7.68 29.22 3.92
CA MET A 896 8.51 30.37 4.22
C MET A 896 9.06 31.00 2.94
N ASN A 897 9.66 30.17 2.10
CA ASN A 897 10.48 30.68 1.00
C ASN A 897 9.70 31.61 0.09
N GLU A 898 8.37 31.45 0.02
CA GLU A 898 7.58 32.25 -0.90
C GLU A 898 6.76 33.35 -0.24
N ARG A 899 5.96 33.02 0.77
CA ARG A 899 5.00 33.96 1.34
C ARG A 899 5.71 34.89 2.31
N TYR A 900 6.16 36.05 1.80
CA TYR A 900 6.75 37.10 2.61
C TYR A 900 6.09 38.45 2.38
N GLU A 901 4.92 38.47 1.75
CA GLU A 901 4.23 39.72 1.43
C GLU A 901 2.77 39.64 1.88
N LYS A 902 2.34 40.67 2.61
CA LYS A 902 0.93 40.86 2.99
C LYS A 902 0.40 39.65 3.77
N SER A 903 1.00 39.42 4.94
CA SER A 903 0.58 38.35 5.83
C SER A 903 0.59 38.80 7.29
N SER A 904 0.36 40.09 7.52
CA SER A 904 0.50 40.66 8.86
C SER A 904 -0.48 40.02 9.83
N GLY A 905 0.03 39.59 11.00
CA GLY A 905 -0.86 39.02 12.03
C GLY A 905 -0.55 37.58 12.41
N LYS A 906 -1.58 36.72 12.44
CA LYS A 906 -1.41 35.32 12.92
C LYS A 906 -0.38 34.53 12.10
N VAL A 907 -0.55 34.46 10.79
CA VAL A 907 0.42 33.59 10.05
C VAL A 907 1.83 34.19 10.26
N SER A 908 1.93 35.51 10.38
CA SER A 908 3.24 36.16 10.55
C SER A 908 3.86 35.68 11.85
N GLU A 909 3.09 35.74 12.94
CA GLU A 909 3.57 35.27 14.26
C GLU A 909 4.00 33.81 14.18
N TYR A 910 3.23 32.98 13.50
CA TYR A 910 3.55 31.53 13.49
C TYR A 910 4.85 31.30 12.72
N PHE A 911 5.05 32.06 11.65
CA PHE A 911 6.26 31.77 10.87
C PHE A 911 7.45 32.33 11.66
N ASP A 912 7.19 33.39 12.43
CA ASP A 912 8.26 33.94 13.30
C ASP A 912 8.66 32.82 14.27
N ALA A 913 7.67 32.13 14.81
CA ALA A 913 7.94 31.00 15.71
C ALA A 913 8.80 29.99 14.99
N VAL A 914 8.43 29.55 13.80
CA VAL A 914 9.35 28.55 13.19
C VAL A 914 10.75 29.15 13.12
N ASN A 915 10.95 30.38 12.62
CA ASN A 915 12.34 30.90 12.44
C ASN A 915 13.09 30.91 13.77
N ASP A 916 12.42 31.26 14.86
CA ASP A 916 13.11 31.37 16.18
C ASP A 916 13.24 30.01 16.86
N GLU A 917 12.13 29.44 17.38
CA GLU A 917 12.34 28.24 18.19
C GLU A 917 12.74 27.02 17.35
N LYS A 918 12.76 27.15 16.03
CA LYS A 918 13.23 26.07 15.14
C LYS A 918 12.48 24.76 15.40
N LYS A 919 11.16 24.86 15.53
CA LYS A 919 10.31 23.70 15.72
C LYS A 919 8.98 23.97 15.05
N TYR A 920 8.42 22.94 14.41
CA TYR A 920 7.16 23.13 13.68
C TYR A 920 6.05 23.53 14.64
N ASN A 921 5.15 24.37 14.16
CA ASN A 921 4.07 24.89 14.99
C ASN A 921 2.81 24.06 14.76
N ASP A 922 2.23 23.56 15.85
CA ASP A 922 1.02 22.75 15.74
C ASP A 922 -0.16 23.58 15.24
N ARG A 923 -0.25 24.84 15.67
CA ARG A 923 -1.39 25.67 15.29
C ARG A 923 -1.42 25.94 13.80
N LEU A 924 -0.25 26.19 13.19
CA LEU A 924 -0.23 26.39 11.74
C LEU A 924 -0.71 25.14 11.02
N LEU A 925 -0.33 23.97 11.51
CA LEU A 925 -0.83 22.72 10.92
C LEU A 925 -2.34 22.62 11.07
N LYS A 926 -2.87 23.02 12.23
CA LYS A 926 -4.31 22.95 12.46
C LYS A 926 -5.07 23.87 11.51
N LEU A 927 -4.50 25.04 11.20
CA LEU A 927 -5.12 25.90 10.19
C LEU A 927 -4.91 25.39 8.77
N LEU A 928 -3.82 24.67 8.51
CA LEU A 928 -3.60 24.16 7.16
C LEU A 928 -4.27 22.80 6.89
N CYS A 929 -4.92 22.20 7.89
CA CYS A 929 -5.75 21.02 7.66
C CYS A 929 -7.23 21.35 7.61
N VAL A 930 -7.60 22.62 7.51
CA VAL A 930 -9.00 23.00 7.37
C VAL A 930 -9.64 22.36 6.13
N PRO A 931 -8.98 22.30 4.94
CA PRO A 931 -9.60 21.64 3.79
C PRO A 931 -10.04 20.20 4.04
N PHE A 932 -9.62 19.63 5.17
CA PHE A 932 -9.93 18.25 5.53
C PHE A 932 -10.95 18.16 6.64
N GLY A 933 -11.76 19.22 6.83
CA GLY A 933 -12.58 19.34 8.01
C GLY A 933 -13.91 18.60 7.97
N TYR A 934 -14.32 18.10 6.81
CA TYR A 934 -15.60 17.41 6.74
C TYR A 934 -15.51 15.93 7.13
N CYS A 935 -14.30 15.41 7.31
CA CYS A 935 -14.11 14.06 7.84
C CYS A 935 -13.28 14.19 9.11
N ILE A 936 -13.97 14.15 10.26
CA ILE A 936 -13.30 14.41 11.54
C ILE A 936 -12.22 13.38 11.84
N PRO A 937 -12.43 12.07 11.67
CA PRO A 937 -11.32 11.13 11.89
C PRO A 937 -10.07 11.48 11.09
N ARG A 938 -10.21 11.80 9.80
CA ARG A 938 -9.05 12.16 9.00
C ARG A 938 -8.45 13.48 9.45
N PHE A 939 -9.31 14.43 9.84
CA PHE A 939 -8.82 15.72 10.31
C PHE A 939 -7.95 15.55 11.55
N LYS A 940 -8.35 14.68 12.46
CA LYS A 940 -7.52 14.39 13.62
C LYS A 940 -6.25 13.64 13.23
N ASN A 941 -6.40 12.59 12.42
CA ASN A 941 -5.25 11.76 12.08
C ASN A 941 -4.20 12.51 11.28
N LEU A 942 -4.56 13.64 10.68
CA LEU A 942 -3.59 14.45 9.94
C LEU A 942 -3.23 15.74 10.65
N SER A 943 -3.60 15.89 11.92
CA SER A 943 -3.19 17.07 12.68
C SER A 943 -2.73 16.76 14.10
N ILE A 944 -2.88 15.54 14.59
CA ILE A 944 -2.50 15.17 15.95
C ILE A 944 -1.39 14.14 15.88
N GLU A 945 -0.34 14.35 16.67
CA GLU A 945 0.82 13.47 16.62
C GLU A 945 0.47 12.04 17.05
N ALA A 946 -0.29 11.92 18.13
CA ALA A 946 -0.55 10.60 18.69
C ALA A 946 -1.36 9.72 17.75
N LEU A 947 -2.33 10.30 17.05
CA LEU A 947 -3.28 9.54 16.26
C LEU A 947 -2.89 9.38 14.80
N PHE A 948 -1.72 9.90 14.40
CA PHE A 948 -1.32 9.77 13.00
C PHE A 948 -0.96 8.33 12.65
N ASP A 949 -0.14 7.68 13.47
CA ASP A 949 0.47 6.40 13.14
C ASP A 949 -0.13 5.29 13.98
N ARG A 950 -0.53 4.20 13.32
CA ARG A 950 -1.09 3.07 14.04
C ARG A 950 -0.01 2.25 14.75
N ASN A 951 1.19 2.16 14.15
CA ASN A 951 2.28 1.43 14.79
C ASN A 951 2.76 2.15 16.05
N GLU A 952 2.81 3.48 16.00
CA GLU A 952 3.30 4.28 17.13
C GLU A 952 2.09 4.66 17.99
N ALA A 953 1.78 3.79 18.96
CA ALA A 953 0.67 4.04 19.87
C ALA A 953 1.09 3.77 21.31
N ALA A 954 2.19 3.02 21.49
CA ALA A 954 2.60 2.66 22.84
C ALA A 954 3.14 3.87 23.61
N LYS A 955 4.01 4.67 22.98
CA LYS A 955 4.56 5.83 23.68
C LYS A 955 3.49 6.87 23.95
N PHE A 956 2.59 7.10 23.00
CA PHE A 956 1.52 8.06 23.17
C PHE A 956 0.33 7.42 23.89
#